data_9OK6
#
_entry.id   9OK6
#
_cell.length_a   249.732
_cell.length_b   63.518
_cell.length_c   53.438
_cell.angle_alpha   90
_cell.angle_beta   94.36
_cell.angle_gamma   90
#
_symmetry.space_group_name_H-M   'C 1 2 1'
#
loop_
_entity.id
_entity.type
_entity.pdbx_description
1 polymer 'Tumor necrosis factor'
2 non-polymer "(4S,8aR)-7-{5-[(6R,13R,14S)-5,14-dihydro-7H-6,14-methanopyrido[3',2':4,5]imidazo[1,2-b][2,5]benzodiazocin-11-yl]pyrimidin-2-yl}hexahydroimidazo[1,5-a]pyrazin-3(2H)-one"
3 water water
#
_entity_poly.entity_id   1
_entity_poly.type   'polypeptide(L)'
_entity_poly.pdbx_seq_one_letter_code
;MVRSSSRTPSDKPVAHVVANPQAEGQLQWLNRRANALLANGVELRDNQLVVPSEGLYLIYSQVLFKGQGCPSTHVLLTHT
ISRIAVSYQTKVNLLSAIKSPCQRETPEGAEAKPWYEPIYLGGVFQLEKGDRLSAEINRPDYLDFAESGQVYFGIIAL
;
_entity_poly.pdbx_strand_id   A,B,C,D,E,F
#
loop_
_chem_comp.id
_chem_comp.type
_chem_comp.name
_chem_comp.formula
A1CCE non-polymer (4S,8aR)-7-{5-[(6R,13R,14S)-5,14-dihydro-7H-6,14-methanopyrido[3',2':4,5]imidazo[1,2-b][2,5]benzodiazocin-11-yl]pyrimidin-2-yl}hexahydroimidazo[1,5-a]pyrazin-3(2H)-one 'C26 H25 N9 O'
#
# COMPACT_ATOMS: atom_id res chain seq x y z
N PRO A 9 -7.01 34.44 9.40
CA PRO A 9 -6.77 33.53 10.53
C PRO A 9 -5.97 32.28 10.08
N SER A 10 -6.65 31.17 9.68
CA SER A 10 -5.93 30.01 9.19
C SER A 10 -5.46 30.15 7.74
N ASP A 11 -4.16 30.06 7.58
CA ASP A 11 -3.47 30.06 6.29
C ASP A 11 -3.29 28.63 5.73
N LYS A 12 -3.79 27.59 6.44
CA LYS A 12 -3.67 26.21 6.03
C LYS A 12 -4.57 25.87 4.84
N PRO A 13 -3.98 25.25 3.80
CA PRO A 13 -4.76 24.86 2.61
C PRO A 13 -5.86 23.84 2.90
N VAL A 14 -7.11 24.17 2.51
CA VAL A 14 -8.25 23.28 2.68
C VAL A 14 -9.08 23.24 1.42
N ALA A 15 -9.81 22.14 1.21
CA ALA A 15 -10.68 21.99 0.05
C ALA A 15 -11.84 21.05 0.36
N HIS A 16 -13.03 21.37 -0.17
CA HIS A 16 -14.24 20.58 -0.08
C HIS A 16 -15.01 20.73 -1.38
N VAL A 17 -14.84 19.77 -2.30
CA VAL A 17 -15.53 19.78 -3.58
C VAL A 17 -16.66 18.78 -3.58
N VAL A 18 -17.73 19.08 -4.31
CA VAL A 18 -18.93 18.25 -4.34
C VAL A 18 -19.23 17.75 -5.76
N ALA A 19 -19.86 16.59 -5.90
CA ALA A 19 -20.20 16.03 -7.20
C ALA A 19 -21.31 16.78 -7.89
N ASN A 20 -21.20 16.97 -9.20
CA ASN A 20 -22.21 17.66 -9.99
C ASN A 20 -23.37 16.73 -10.25
N PRO A 21 -24.57 17.09 -9.75
CA PRO A 21 -25.73 16.21 -9.96
C PRO A 21 -26.16 16.14 -11.44
N GLN A 22 -25.94 17.22 -12.17
CA GLN A 22 -26.27 17.29 -13.56
C GLN A 22 -25.38 16.38 -14.44
N ALA A 23 -24.09 16.23 -14.11
CA ALA A 23 -23.13 15.48 -14.93
C ALA A 23 -23.40 13.99 -15.08
N GLU A 24 -24.12 13.59 -16.14
CA GLU A 24 -24.40 12.19 -16.42
C GLU A 24 -23.14 11.33 -16.76
N GLY A 25 -23.20 10.09 -16.26
CA GLY A 25 -22.24 9.03 -16.47
C GLY A 25 -20.83 9.35 -16.05
N GLN A 26 -20.67 10.21 -15.02
CA GLN A 26 -19.36 10.57 -14.51
C GLN A 26 -19.42 11.25 -13.14
N LEU A 27 -18.30 11.22 -12.43
CA LEU A 27 -18.16 11.85 -11.13
C LEU A 27 -17.29 13.09 -11.35
N GLN A 28 -17.95 14.24 -11.49
CA GLN A 28 -17.29 15.50 -11.76
C GLN A 28 -17.36 16.40 -10.53
N TRP A 29 -16.21 16.82 -10.03
CA TRP A 29 -16.12 17.67 -8.84
C TRP A 29 -16.28 19.16 -9.10
N LEU A 30 -16.98 19.85 -8.19
CA LEU A 30 -17.21 21.28 -8.30
C LEU A 30 -16.84 22.02 -7.04
N ASN A 31 -16.26 23.19 -7.23
CA ASN A 31 -15.96 24.16 -6.19
C ASN A 31 -16.90 25.40 -6.33
N ARG A 32 -17.36 25.66 -7.56
CA ARG A 32 -18.19 26.77 -7.94
C ARG A 32 -19.63 26.45 -7.54
N ARG A 33 -19.83 26.01 -6.31
CA ARG A 33 -21.15 25.71 -5.82
C ARG A 33 -21.30 26.14 -4.37
N ALA A 34 -22.53 26.30 -3.92
CA ALA A 34 -22.80 26.70 -2.55
C ALA A 34 -22.43 25.55 -1.63
N ASN A 35 -21.72 25.85 -0.55
CA ASN A 35 -21.28 24.89 0.47
C ASN A 35 -20.24 23.86 -0.02
N ALA A 36 -19.37 24.37 -0.90
CA ALA A 36 -18.23 23.71 -1.49
C ALA A 36 -17.17 24.80 -1.66
N LEU A 37 -15.88 24.50 -1.34
CA LEU A 37 -14.85 25.51 -1.39
C LEU A 37 -13.46 25.00 -1.72
N LEU A 38 -12.57 25.94 -2.11
CA LEU A 38 -11.16 25.77 -2.33
C LEU A 38 -10.55 26.98 -1.63
N ALA A 39 -9.60 26.78 -0.72
CA ALA A 39 -9.01 27.88 0.05
C ALA A 39 -7.52 27.72 0.29
N ASN A 40 -6.83 28.86 0.54
CA ASN A 40 -5.42 28.97 0.85
C ASN A 40 -4.48 28.24 -0.11
N GLY A 41 -4.80 28.27 -1.40
CA GLY A 41 -3.92 27.70 -2.41
C GLY A 41 -4.39 26.48 -3.17
N VAL A 42 -5.31 25.70 -2.59
CA VAL A 42 -5.77 24.48 -3.26
C VAL A 42 -6.52 24.84 -4.55
N GLU A 43 -6.19 24.18 -5.66
CA GLU A 43 -6.83 24.43 -6.96
C GLU A 43 -7.55 23.17 -7.46
N LEU A 44 -8.59 23.34 -8.29
CA LEU A 44 -9.29 22.21 -8.88
C LEU A 44 -9.00 22.32 -10.35
N ARG A 45 -8.11 21.46 -10.86
CA ARG A 45 -7.71 21.45 -12.27
C ARG A 45 -7.99 20.08 -12.86
N ASP A 46 -8.72 20.00 -13.99
CA ASP A 46 -9.04 18.76 -14.69
C ASP A 46 -9.56 17.65 -13.77
N ASN A 47 -10.55 17.99 -12.92
CA ASN A 47 -11.19 17.08 -11.95
C ASN A 47 -10.25 16.63 -10.81
N GLN A 48 -9.13 17.31 -10.62
CA GLN A 48 -8.17 16.93 -9.58
C GLN A 48 -7.77 18.08 -8.67
N LEU A 49 -7.53 17.79 -7.39
CA LEU A 49 -7.13 18.80 -6.43
C LEU A 49 -5.62 18.93 -6.45
N VAL A 50 -5.13 20.13 -6.71
CA VAL A 50 -3.70 20.41 -6.75
C VAL A 50 -3.23 20.92 -5.39
N VAL A 51 -2.37 20.15 -4.74
CA VAL A 51 -1.76 20.45 -3.46
C VAL A 51 -0.87 21.66 -3.63
N PRO A 52 -1.14 22.74 -2.89
CA PRO A 52 -0.34 23.97 -3.08
C PRO A 52 1.02 24.01 -2.38
N SER A 53 1.22 23.18 -1.35
CA SER A 53 2.46 23.19 -0.60
C SER A 53 2.75 21.84 0.05
N GLU A 54 4.03 21.53 0.28
CA GLU A 54 4.43 20.30 0.92
C GLU A 54 3.88 20.25 2.38
N GLY A 55 3.48 19.07 2.84
CA GLY A 55 2.98 18.90 4.20
C GLY A 55 2.11 17.68 4.40
N LEU A 56 1.58 17.48 5.62
CA LEU A 56 0.70 16.36 5.90
C LEU A 56 -0.72 16.80 5.66
N TYR A 57 -1.49 16.00 4.94
CA TYR A 57 -2.86 16.35 4.61
C TYR A 57 -3.80 15.23 4.96
N LEU A 58 -5.01 15.59 5.38
CA LEU A 58 -6.06 14.61 5.58
C LEU A 58 -6.75 14.58 4.21
N ILE A 59 -6.83 13.40 3.61
CA ILE A 59 -7.54 13.25 2.36
C ILE A 59 -8.76 12.42 2.70
N TYR A 60 -9.97 13.00 2.45
CA TYR A 60 -11.27 12.39 2.72
C TYR A 60 -12.21 12.47 1.49
N SER A 61 -12.98 11.41 1.26
CA SER A 61 -13.91 11.36 0.14
C SER A 61 -15.06 10.39 0.40
N GLN A 62 -16.27 10.78 0.02
CA GLN A 62 -17.40 9.90 0.15
C GLN A 62 -18.18 9.84 -1.10
N VAL A 63 -18.59 8.64 -1.48
CA VAL A 63 -19.48 8.43 -2.61
C VAL A 63 -20.63 7.60 -2.13
N LEU A 64 -21.81 7.81 -2.71
CA LEU A 64 -22.96 7.01 -2.32
C LEU A 64 -23.50 6.34 -3.56
N PHE A 65 -23.59 5.02 -3.51
CA PHE A 65 -24.16 4.23 -4.59
C PHE A 65 -25.58 3.79 -4.19
N LYS A 66 -26.45 3.62 -5.18
CA LYS A 66 -27.83 3.18 -4.99
C LYS A 66 -28.25 2.41 -6.23
N GLY A 67 -28.91 1.29 -6.04
CA GLY A 67 -29.39 0.47 -7.15
C GLY A 67 -30.76 -0.09 -6.85
N GLN A 68 -31.65 -0.07 -7.85
CA GLN A 68 -33.01 -0.59 -7.63
C GLN A 68 -33.06 -2.12 -7.77
N GLY A 69 -32.61 -2.82 -6.74
CA GLY A 69 -32.65 -4.27 -6.71
C GLY A 69 -31.35 -4.97 -7.02
N CYS A 70 -31.36 -6.28 -6.84
CA CYS A 70 -30.23 -7.15 -7.06
C CYS A 70 -30.48 -8.10 -8.17
N PRO A 71 -30.11 -7.74 -9.41
CA PRO A 71 -30.30 -8.67 -10.53
C PRO A 71 -29.12 -9.63 -10.65
N SER A 72 -29.23 -10.62 -11.55
CA SER A 72 -28.16 -11.60 -11.81
C SER A 72 -26.86 -10.91 -12.33
N HIS A 74 -23.66 -9.60 -10.09
CA HIS A 74 -22.20 -9.67 -9.91
C HIS A 74 -21.51 -8.29 -9.79
N VAL A 75 -22.30 -7.23 -9.50
CA VAL A 75 -21.85 -5.84 -9.37
C VAL A 75 -20.59 -5.62 -8.55
N LEU A 76 -19.62 -4.88 -9.09
CA LEU A 76 -18.44 -4.46 -8.32
C LEU A 76 -18.45 -2.94 -8.32
N LEU A 77 -18.37 -2.35 -7.12
CA LEU A 77 -18.35 -0.90 -6.97
C LEU A 77 -17.03 -0.54 -6.37
N THR A 78 -16.26 0.32 -7.02
CA THR A 78 -14.97 0.75 -6.51
C THR A 78 -14.95 2.24 -6.33
N HIS A 79 -14.11 2.67 -5.39
CA HIS A 79 -13.86 4.07 -5.09
C HIS A 79 -12.38 4.14 -4.77
N THR A 80 -11.67 5.07 -5.41
CA THR A 80 -10.25 5.17 -5.18
C THR A 80 -9.77 6.60 -5.22
N ILE A 81 -8.82 6.92 -4.33
CA ILE A 81 -8.16 8.22 -4.30
C ILE A 81 -6.70 8.03 -4.74
N SER A 82 -6.23 8.75 -5.76
CA SER A 82 -4.87 8.61 -6.29
C SER A 82 -4.08 9.91 -6.25
N ARG A 83 -2.75 9.82 -6.15
CA ARG A 83 -1.88 11.00 -6.17
C ARG A 83 -0.95 10.90 -7.37
N ILE A 84 -0.85 12.00 -8.12
CA ILE A 84 -0.01 12.10 -9.31
C ILE A 84 1.06 13.14 -9.00
N ALA A 85 2.29 12.70 -8.82
CA ALA A 85 3.38 13.60 -8.46
C ALA A 85 3.98 14.35 -9.66
N VAL A 86 4.82 15.39 -9.45
CA VAL A 86 5.44 16.12 -10.57
C VAL A 86 6.94 15.71 -10.78
N THR A 90 5.18 9.82 -11.61
CA THR A 90 5.02 9.06 -10.35
C THR A 90 3.59 9.06 -9.89
N LYS A 91 2.81 8.12 -10.47
CA LYS A 91 1.37 7.90 -10.24
C LYS A 91 1.19 6.83 -9.14
N VAL A 92 0.44 7.15 -8.07
CA VAL A 92 0.27 6.24 -6.92
C VAL A 92 -1.19 6.16 -6.44
N ASN A 93 -1.59 4.98 -5.92
CA ASN A 93 -2.92 4.75 -5.35
C ASN A 93 -2.82 5.05 -3.86
N LEU A 94 -3.69 5.84 -3.24
CA LEU A 94 -3.53 6.17 -1.84
C LEU A 94 -4.47 5.35 -0.96
N LEU A 95 -5.76 5.38 -1.31
CA LEU A 95 -6.82 4.70 -0.60
C LEU A 95 -7.73 4.08 -1.65
N SER A 96 -8.21 2.87 -1.41
CA SER A 96 -9.12 2.23 -2.35
C SER A 96 -10.05 1.24 -1.64
N ALA A 97 -11.28 1.14 -2.10
CA ALA A 97 -12.23 0.19 -1.56
C ALA A 97 -13.03 -0.43 -2.67
N ILE A 98 -13.44 -1.68 -2.49
CA ILE A 98 -14.27 -2.38 -3.47
C ILE A 98 -15.41 -3.06 -2.73
N LYS A 99 -16.65 -2.78 -3.12
CA LYS A 99 -17.82 -3.34 -2.49
C LYS A 99 -18.68 -4.12 -3.49
N SER A 100 -19.28 -5.22 -3.01
CA SER A 100 -20.19 -6.04 -3.81
C SER A 100 -21.54 -5.90 -3.14
N PRO A 101 -22.42 -5.05 -3.68
CA PRO A 101 -23.71 -4.79 -3.00
C PRO A 101 -24.71 -5.93 -3.01
N CYS A 102 -24.63 -6.78 -4.02
CA CYS A 102 -25.58 -7.85 -4.20
C CYS A 102 -25.06 -9.22 -3.79
N GLN A 103 -24.80 -9.39 -2.48
CA GLN A 103 -24.33 -10.65 -1.91
C GLN A 103 -25.46 -11.69 -1.72
N ARG A 104 -26.49 -11.60 -2.60
CA ARG A 104 -27.73 -12.39 -2.69
C ARG A 104 -28.57 -11.73 -3.80
N GLU A 105 -29.02 -12.50 -4.81
CA GLU A 105 -29.79 -11.91 -5.92
C GLU A 105 -31.29 -12.07 -5.79
N THR A 106 -32.02 -10.93 -5.77
CA THR A 106 -33.48 -10.86 -5.62
C THR A 106 -34.25 -11.76 -6.61
N PRO A 107 -34.72 -12.91 -6.12
CA PRO A 107 -35.47 -13.83 -7.02
C PRO A 107 -36.88 -13.34 -7.33
N GLU A 111 -39.67 -8.50 -6.43
CA GLU A 111 -39.89 -7.20 -5.79
C GLU A 111 -38.56 -6.51 -5.53
N ALA A 112 -37.98 -5.84 -6.54
CA ALA A 112 -36.67 -5.20 -6.40
C ALA A 112 -36.61 -4.00 -5.43
N LYS A 113 -36.28 -4.28 -4.15
CA LYS A 113 -36.08 -3.29 -3.09
C LYS A 113 -34.76 -2.56 -3.36
N PRO A 114 -34.68 -1.23 -3.16
CA PRO A 114 -33.43 -0.52 -3.48
C PRO A 114 -32.33 -0.66 -2.44
N TRP A 115 -31.11 -0.97 -2.89
CA TRP A 115 -29.95 -1.07 -2.01
C TRP A 115 -29.16 0.24 -1.97
N TYR A 116 -28.37 0.45 -0.91
CA TYR A 116 -27.56 1.64 -0.74
C TYR A 116 -26.16 1.23 -0.29
N GLU A 117 -25.12 1.80 -0.92
CA GLU A 117 -23.74 1.49 -0.51
C GLU A 117 -22.84 2.71 -0.49
N PRO A 118 -22.60 3.28 0.70
CA PRO A 118 -21.69 4.42 0.77
C PRO A 118 -20.26 3.93 0.93
N ILE A 119 -19.30 4.65 0.32
CA ILE A 119 -17.90 4.30 0.49
C ILE A 119 -17.21 5.55 1.00
N TYR A 120 -16.64 5.49 2.21
CA TYR A 120 -15.85 6.60 2.70
C TYR A 120 -14.39 6.14 2.66
N LEU A 121 -13.50 6.97 2.10
CA LEU A 121 -12.06 6.76 2.10
C LEU A 121 -11.46 7.96 2.79
N GLY A 122 -10.50 7.70 3.64
CA GLY A 122 -9.81 8.75 4.35
C GLY A 122 -8.54 8.29 4.99
N GLY A 123 -7.57 9.19 4.98
CA GLY A 123 -6.29 8.93 5.59
C GLY A 123 -5.42 10.17 5.64
N VAL A 124 -4.35 10.11 6.42
CA VAL A 124 -3.39 11.21 6.49
C VAL A 124 -2.19 10.85 5.62
N PHE A 125 -1.80 11.75 4.68
CA PHE A 125 -0.72 11.50 3.74
C PHE A 125 0.25 12.66 3.64
N GLN A 126 1.54 12.37 3.44
CA GLN A 126 2.54 13.40 3.21
C GLN A 126 2.50 13.70 1.72
N LEU A 127 2.22 14.94 1.36
CA LEU A 127 2.12 15.34 -0.04
C LEU A 127 3.14 16.44 -0.35
N GLU A 128 3.54 16.52 -1.61
CA GLU A 128 4.47 17.54 -2.08
C GLU A 128 3.71 18.63 -2.86
N LYS A 129 4.33 19.79 -3.03
CA LYS A 129 3.73 20.89 -3.79
C LYS A 129 3.57 20.48 -5.25
N GLY A 130 2.38 20.67 -5.77
CA GLY A 130 2.07 20.35 -7.16
C GLY A 130 1.48 18.98 -7.42
N ASP A 131 1.21 18.20 -6.35
CA ASP A 131 0.63 16.87 -6.47
C ASP A 131 -0.81 17.00 -6.87
N ARG A 132 -1.29 16.14 -7.76
CA ARG A 132 -2.71 16.15 -8.14
C ARG A 132 -3.42 14.95 -7.54
N LEU A 133 -4.54 15.20 -6.84
CA LEU A 133 -5.31 14.16 -6.19
C LEU A 133 -6.63 13.95 -6.89
N SER A 134 -7.00 12.69 -7.17
CA SER A 134 -8.25 12.39 -7.84
C SER A 134 -9.08 11.36 -7.08
N ALA A 135 -10.39 11.59 -6.94
CA ALA A 135 -11.28 10.61 -6.27
C ALA A 135 -12.14 10.06 -7.39
N GLU A 136 -12.02 8.75 -7.65
CA GLU A 136 -12.69 8.14 -8.80
C GLU A 136 -13.48 6.88 -8.49
N ILE A 137 -14.55 6.65 -9.22
CA ILE A 137 -15.40 5.46 -9.09
C ILE A 137 -15.48 4.74 -10.45
N ASN A 138 -15.83 3.45 -10.43
CA ASN A 138 -15.94 2.68 -11.65
C ASN A 138 -17.33 2.74 -12.27
N ARG A 139 -18.39 2.83 -11.42
CA ARG A 139 -19.76 2.82 -11.90
C ARG A 139 -20.48 4.09 -11.54
N PRO A 140 -20.37 5.12 -12.38
CA PRO A 140 -21.10 6.37 -12.10
C PRO A 140 -22.60 6.27 -12.38
N ASP A 141 -23.03 5.17 -13.04
CA ASP A 141 -24.45 4.90 -13.28
C ASP A 141 -25.19 4.55 -11.99
N TYR A 142 -24.47 4.11 -10.95
CA TYR A 142 -25.07 3.81 -9.66
C TYR A 142 -24.93 4.97 -8.65
N LEU A 143 -24.39 6.14 -9.03
CA LEU A 143 -24.26 7.27 -8.13
C LEU A 143 -25.60 7.76 -7.59
N ASP A 144 -25.59 8.43 -6.42
CA ASP A 144 -26.84 8.96 -5.89
C ASP A 144 -26.78 10.44 -5.60
N PHE A 145 -27.60 11.17 -6.36
CA PHE A 145 -27.77 12.61 -6.31
C PHE A 145 -29.16 13.00 -5.79
N ALA A 146 -29.87 12.13 -5.05
CA ALA A 146 -31.22 12.45 -4.53
C ALA A 146 -31.21 13.67 -3.61
N GLU A 147 -30.09 13.84 -2.85
CA GLU A 147 -29.91 14.98 -1.95
C GLU A 147 -28.43 15.47 -1.97
N SER A 148 -28.22 16.73 -1.61
CA SER A 148 -26.90 17.35 -1.51
C SER A 148 -26.16 16.76 -0.32
N GLY A 149 -24.85 16.91 -0.30
CA GLY A 149 -24.01 16.46 0.79
C GLY A 149 -23.69 14.99 0.81
N GLN A 150 -24.15 14.23 -0.19
CA GLN A 150 -23.88 12.79 -0.23
C GLN A 150 -22.56 12.43 -0.90
N VAL A 151 -22.10 13.20 -1.87
CA VAL A 151 -20.88 12.88 -2.62
C VAL A 151 -19.90 14.05 -2.59
N TYR A 152 -18.73 13.84 -1.99
CA TYR A 152 -17.76 14.90 -1.79
C TYR A 152 -16.33 14.38 -1.75
N PHE A 153 -15.38 15.30 -1.89
CA PHE A 153 -13.97 15.00 -1.90
C PHE A 153 -13.28 16.23 -1.37
N GLY A 154 -12.42 16.06 -0.38
CA GLY A 154 -11.71 17.20 0.20
C GLY A 154 -10.42 16.86 0.87
N ILE A 155 -9.62 17.88 1.11
CA ILE A 155 -8.34 17.78 1.78
C ILE A 155 -8.22 18.84 2.88
N ILE A 156 -7.40 18.56 3.91
CA ILE A 156 -7.14 19.50 4.99
C ILE A 156 -5.68 19.42 5.37
N ALA A 157 -4.94 20.54 5.29
CA ALA A 157 -3.57 20.53 5.75
C ALA A 157 -3.53 20.41 7.29
N LEU A 158 -2.51 19.75 7.83
CA LEU A 158 -2.40 19.62 9.28
C LEU A 158 -1.36 20.61 9.85
N ASP B 11 4.54 26.84 17.89
CA ASP B 11 3.73 27.50 18.90
C ASP B 11 2.75 26.56 19.60
N LYS B 12 1.93 25.81 18.83
CA LYS B 12 0.92 24.93 19.40
C LYS B 12 1.24 23.43 19.36
N PRO B 13 1.09 22.76 20.53
CA PRO B 13 1.30 21.31 20.62
C PRO B 13 0.50 20.49 19.59
N VAL B 14 1.17 19.59 18.88
CA VAL B 14 0.53 18.72 17.89
C VAL B 14 1.12 17.29 18.00
N ALA B 15 0.33 16.28 17.62
CA ALA B 15 0.77 14.90 17.63
C ALA B 15 0.04 14.10 16.57
N HIS B 16 0.75 13.20 15.89
CA HIS B 16 0.18 12.29 14.91
C HIS B 16 0.97 11.00 14.98
N VAL B 17 0.41 10.01 15.67
CA VAL B 17 1.04 8.73 15.83
C VAL B 17 0.35 7.68 14.93
N VAL B 18 1.15 6.74 14.43
CA VAL B 18 0.68 5.69 13.51
C VAL B 18 0.87 4.30 14.12
N ALA B 19 0.04 3.31 13.75
CA ALA B 19 0.15 1.96 14.28
C ALA B 19 1.37 1.22 13.75
N ASN B 20 2.03 0.44 14.62
CA ASN B 20 3.20 -0.34 14.26
C ASN B 20 2.78 -1.59 13.49
N PRO B 21 3.18 -1.70 12.21
CA PRO B 21 2.77 -2.87 11.40
C PRO B 21 3.43 -4.16 11.86
N GLN B 22 4.72 -4.06 12.22
CA GLN B 22 5.58 -5.13 12.67
C GLN B 22 5.26 -5.62 14.09
N ALA B 23 4.35 -4.95 14.83
CA ALA B 23 3.95 -5.32 16.19
C ALA B 23 2.53 -5.85 16.14
N GLU B 24 2.38 -7.06 15.63
CA GLU B 24 1.09 -7.73 15.42
C GLU B 24 0.39 -8.23 16.73
N GLY B 25 -0.95 -8.10 16.76
CA GLY B 25 -1.77 -8.57 17.88
C GLY B 25 -2.05 -7.55 18.97
N GLN B 26 -1.82 -6.28 18.62
CA GLN B 26 -2.03 -5.14 19.50
C GLN B 26 -1.98 -3.85 18.71
N LEU B 27 -2.64 -2.81 19.24
CA LEU B 27 -2.63 -1.52 18.58
C LEU B 27 -1.59 -0.68 19.28
N GLN B 28 -0.37 -0.65 18.72
CA GLN B 28 0.74 0.08 19.34
C GLN B 28 1.10 1.30 18.53
N TRP B 29 1.05 2.48 19.15
CA TRP B 29 1.32 3.75 18.48
C TRP B 29 2.79 4.15 18.43
N LEU B 30 3.22 4.73 17.29
CA LEU B 30 4.60 5.18 17.09
C LEU B 30 4.63 6.63 16.67
N ASN B 31 5.45 7.46 17.31
CA ASN B 31 5.55 8.89 16.98
C ASN B 31 6.72 9.16 16.00
N ARG B 32 6.82 10.40 15.46
CA ARG B 32 7.88 10.73 14.50
C ARG B 32 9.11 11.29 15.19
N VAL B 42 3.75 17.50 23.31
CA VAL B 42 2.97 16.28 23.40
C VAL B 42 3.89 15.08 23.56
N GLU B 43 3.57 14.21 24.50
CA GLU B 43 4.39 13.02 24.71
C GLU B 43 3.58 11.75 24.47
N LEU B 44 4.26 10.68 24.08
CA LEU B 44 3.64 9.37 23.92
C LEU B 44 4.21 8.50 25.04
N ARG B 45 3.42 8.30 26.09
CA ARG B 45 3.83 7.53 27.26
C ARG B 45 2.86 6.39 27.46
N ASP B 46 3.38 5.16 27.58
CA ASP B 46 2.62 3.93 27.79
C ASP B 46 1.43 3.81 26.82
N ASN B 47 1.68 4.02 25.51
CA ASN B 47 0.70 3.96 24.42
C ASN B 47 -0.41 5.05 24.49
N GLN B 48 -0.17 6.12 25.25
CA GLN B 48 -1.14 7.21 25.41
C GLN B 48 -0.52 8.57 25.15
N LEU B 49 -1.31 9.50 24.61
CA LEU B 49 -0.83 10.84 24.36
C LEU B 49 -1.04 11.71 25.61
N VAL B 50 0.02 12.32 26.11
CA VAL B 50 -0.06 13.20 27.26
C VAL B 50 -0.15 14.65 26.83
N VAL B 51 -1.26 15.28 27.19
CA VAL B 51 -1.55 16.67 26.89
C VAL B 51 -0.56 17.55 27.65
N PRO B 52 0.23 18.37 26.94
CA PRO B 52 1.24 19.17 27.64
C PRO B 52 0.76 20.46 28.29
N SER B 53 -0.40 20.97 27.86
CA SER B 53 -0.92 22.23 28.41
C SER B 53 -2.43 22.31 28.29
N GLU B 54 -3.08 23.06 29.18
CA GLU B 54 -4.52 23.23 29.12
C GLU B 54 -4.92 23.96 27.82
N GLY B 55 -6.05 23.57 27.24
CA GLY B 55 -6.54 24.20 26.02
C GLY B 55 -7.53 23.35 25.24
N LEU B 56 -7.98 23.86 24.09
CA LEU B 56 -8.91 23.10 23.23
C LEU B 56 -8.08 22.32 22.26
N TYR B 57 -8.39 21.05 22.11
CA TYR B 57 -7.65 20.18 21.21
C TYR B 57 -8.57 19.47 20.28
N LEU B 58 -8.13 19.26 19.05
CA LEU B 58 -8.85 18.44 18.12
C LEU B 58 -8.27 17.07 18.35
N ILE B 59 -9.11 16.11 18.66
CA ILE B 59 -8.66 14.73 18.82
C ILE B 59 -9.22 13.93 17.65
N TYR B 60 -8.37 13.14 17.00
CA TYR B 60 -8.80 12.35 15.85
C TYR B 60 -8.14 10.97 15.84
N SER B 61 -8.75 10.01 15.11
CA SER B 61 -8.24 8.65 15.02
C SER B 61 -8.95 7.82 13.97
N GLN B 62 -8.26 6.83 13.40
CA GLN B 62 -8.84 5.90 12.45
C GLN B 62 -8.22 4.56 12.56
N VAL B 63 -9.04 3.51 12.52
CA VAL B 63 -8.56 2.14 12.51
C VAL B 63 -9.21 1.42 11.35
N LEU B 64 -8.52 0.44 10.78
CA LEU B 64 -9.09 -0.33 9.68
C LEU B 64 -9.07 -1.80 10.07
N PHE B 65 -10.23 -2.44 10.01
CA PHE B 65 -10.36 -3.86 10.32
C PHE B 65 -10.52 -4.67 9.04
N LYS B 66 -10.14 -5.94 9.05
CA LYS B 66 -10.22 -6.84 7.91
C LYS B 66 -10.38 -8.26 8.41
N GLY B 67 -11.26 -9.02 7.79
CA GLY B 67 -11.48 -10.40 8.18
C GLY B 67 -11.76 -11.30 6.99
N GLN B 68 -11.22 -12.54 7.02
CA GLN B 68 -11.43 -13.55 5.99
C GLN B 68 -12.80 -14.22 6.17
N GLY B 69 -13.84 -13.58 5.68
CA GLY B 69 -15.18 -14.13 5.79
C GLY B 69 -15.79 -13.92 7.16
N CYS B 70 -16.96 -14.52 7.40
CA CYS B 70 -17.64 -14.36 8.67
C CYS B 70 -17.64 -15.63 9.52
N PRO B 71 -17.24 -15.50 10.80
CA PRO B 71 -17.28 -16.67 11.70
C PRO B 71 -18.71 -17.01 12.17
N SER B 72 -18.89 -18.15 12.85
CA SER B 72 -20.22 -18.52 13.35
C SER B 72 -20.58 -17.79 14.69
N THR B 73 -19.55 -17.37 15.45
CA THR B 73 -19.73 -16.58 16.68
C THR B 73 -19.78 -15.10 16.25
N HIS B 74 -20.89 -14.40 16.59
CA HIS B 74 -21.11 -12.99 16.21
C HIS B 74 -19.94 -12.08 16.57
N VAL B 75 -19.70 -11.06 15.75
CA VAL B 75 -18.57 -10.17 15.93
C VAL B 75 -18.97 -8.70 16.10
N LEU B 76 -18.25 -8.02 16.99
CA LEU B 76 -18.40 -6.62 17.28
C LEU B 76 -17.03 -5.97 17.25
N LEU B 77 -16.91 -4.86 16.52
CA LEU B 77 -15.66 -4.14 16.39
C LEU B 77 -15.83 -2.78 16.99
N THR B 78 -15.05 -2.43 18.00
CA THR B 78 -15.16 -1.13 18.64
C THR B 78 -13.86 -0.35 18.55
N HIS B 79 -13.99 0.95 18.59
CA HIS B 79 -12.87 1.87 18.59
C HIS B 79 -13.26 3.00 19.51
N THR B 80 -12.40 3.33 20.47
CA THR B 80 -12.73 4.34 21.46
C THR B 80 -11.55 5.20 21.85
N ILE B 81 -11.74 6.53 21.90
CA ILE B 81 -10.72 7.44 22.39
C ILE B 81 -11.17 7.82 23.82
N SER B 82 -10.34 7.55 24.83
CA SER B 82 -10.65 7.82 26.22
C SER B 82 -9.78 8.93 26.82
N ARG B 83 -10.23 9.52 27.94
CA ARG B 83 -9.51 10.58 28.63
C ARG B 83 -9.32 10.21 30.09
N ILE B 84 -8.13 10.43 30.67
CA ILE B 84 -7.91 10.14 32.10
C ILE B 84 -7.62 11.45 32.83
N ALA B 85 -8.65 12.28 33.07
CA ALA B 85 -8.54 13.61 33.69
C ALA B 85 -7.61 13.68 34.96
N VAL B 86 -6.94 14.82 35.12
CA VAL B 86 -6.00 15.03 36.23
C VAL B 86 -6.69 15.07 37.59
N SER B 87 -8.01 15.27 37.64
CA SER B 87 -8.75 15.21 38.90
C SER B 87 -9.39 13.80 38.93
N TYR B 88 -10.15 13.46 37.87
CA TYR B 88 -10.82 12.18 37.72
C TYR B 88 -9.97 11.13 37.00
N GLN B 89 -9.09 10.44 37.75
CA GLN B 89 -8.16 9.40 37.30
C GLN B 89 -8.76 8.18 36.57
N THR B 90 -10.10 8.12 36.38
CA THR B 90 -10.70 7.02 35.64
C THR B 90 -10.83 7.35 34.17
N LYS B 91 -10.83 6.32 33.34
CA LYS B 91 -11.02 6.49 31.92
C LYS B 91 -12.47 6.81 31.69
N VAL B 92 -12.71 7.88 30.93
CA VAL B 92 -14.01 8.34 30.47
C VAL B 92 -13.97 8.39 28.93
N ASN B 93 -15.00 7.86 28.26
CA ASN B 93 -15.11 7.86 26.81
C ASN B 93 -15.29 9.28 26.25
N LEU B 94 -14.49 9.65 25.23
CA LEU B 94 -14.64 10.93 24.56
C LEU B 94 -15.38 10.71 23.25
N LEU B 95 -14.90 9.75 22.46
CA LEU B 95 -15.46 9.38 21.16
C LEU B 95 -15.45 7.87 21.06
N SER B 96 -16.51 7.26 20.55
CA SER B 96 -16.57 5.81 20.45
C SER B 96 -17.51 5.35 19.37
N ALA B 97 -17.17 4.29 18.67
CA ALA B 97 -18.02 3.72 17.64
C ALA B 97 -17.96 2.21 17.68
N ILE B 98 -19.02 1.56 17.22
CA ILE B 98 -19.09 0.11 17.21
C ILE B 98 -19.66 -0.34 15.87
N LYS B 99 -19.03 -1.29 15.21
CA LYS B 99 -19.50 -1.80 13.92
C LYS B 99 -19.67 -3.32 13.95
N SER B 100 -20.65 -3.83 13.21
CA SER B 100 -20.89 -5.26 13.09
C SER B 100 -20.63 -5.61 11.62
N PRO B 101 -19.45 -6.15 11.31
CA PRO B 101 -19.14 -6.49 9.92
C PRO B 101 -19.95 -7.66 9.32
N CYS B 102 -20.62 -8.45 10.17
CA CYS B 102 -21.41 -9.58 9.70
C CYS B 102 -22.91 -9.42 9.91
N ALA B 112 -18.04 -17.04 2.19
CA ALA B 112 -16.63 -17.44 2.16
C ALA B 112 -15.72 -16.32 1.58
N LYS B 113 -16.16 -15.03 1.61
CA LYS B 113 -15.39 -13.91 1.07
C LYS B 113 -14.96 -12.86 2.14
N PRO B 114 -13.77 -12.22 1.96
CA PRO B 114 -13.30 -11.27 2.97
C PRO B 114 -14.04 -9.95 3.04
N TRP B 115 -13.87 -9.24 4.17
CA TRP B 115 -14.52 -7.97 4.45
C TRP B 115 -13.54 -6.90 4.98
N TYR B 116 -13.88 -5.61 4.83
CA TYR B 116 -13.06 -4.51 5.32
C TYR B 116 -13.93 -3.50 6.04
N GLU B 117 -13.52 -3.06 7.24
CA GLU B 117 -14.33 -2.11 8.01
C GLU B 117 -13.54 -1.01 8.71
N PRO B 118 -13.59 0.20 8.19
CA PRO B 118 -12.88 1.31 8.87
C PRO B 118 -13.76 1.96 9.95
N ILE B 119 -13.12 2.53 10.98
CA ILE B 119 -13.84 3.32 11.99
C ILE B 119 -13.07 4.62 12.20
N TYR B 120 -13.76 5.75 12.16
CA TYR B 120 -13.09 7.05 12.26
C TYR B 120 -13.74 7.89 13.32
N LEU B 121 -12.90 8.50 14.18
CA LEU B 121 -13.35 9.33 15.31
C LEU B 121 -12.65 10.68 15.31
N GLY B 122 -13.39 11.72 15.64
CA GLY B 122 -12.81 13.06 15.76
C GLY B 122 -13.75 14.04 16.44
N GLY B 123 -13.18 14.90 17.26
CA GLY B 123 -13.95 15.94 17.95
C GLY B 123 -13.07 16.97 18.63
N VAL B 124 -13.63 18.11 19.04
CA VAL B 124 -12.87 19.13 19.76
C VAL B 124 -13.17 19.01 21.25
N PHE B 125 -12.13 18.92 22.07
CA PHE B 125 -12.27 18.72 23.51
C PHE B 125 -11.41 19.69 24.32
N GLN B 126 -11.93 20.16 25.46
CA GLN B 126 -11.14 21.01 26.37
C GLN B 126 -10.38 20.03 27.25
N LEU B 127 -9.05 20.11 27.22
CA LEU B 127 -8.21 19.21 28.01
C LEU B 127 -7.32 20.02 28.97
N GLU B 128 -6.92 19.38 30.06
CA GLU B 128 -6.05 19.99 31.06
C GLU B 128 -4.62 19.46 30.92
N LYS B 129 -3.63 20.18 31.49
CA LYS B 129 -2.23 19.75 31.43
C LYS B 129 -2.08 18.43 32.19
N GLY B 130 -1.47 17.44 31.55
CA GLY B 130 -1.25 16.13 32.15
C GLY B 130 -2.30 15.07 31.89
N ASP B 131 -3.29 15.38 31.06
CA ASP B 131 -4.33 14.42 30.73
C ASP B 131 -3.76 13.34 29.81
N ARG B 132 -4.13 12.07 30.07
CA ARG B 132 -3.70 10.96 29.23
C ARG B 132 -4.84 10.61 28.23
N LEU B 133 -4.52 10.46 26.91
CA LEU B 133 -5.52 10.11 25.89
C LEU B 133 -5.16 8.78 25.25
N SER B 134 -6.14 7.88 25.17
CA SER B 134 -5.88 6.56 24.59
C SER B 134 -6.91 6.07 23.58
N ALA B 135 -6.46 5.89 22.33
CA ALA B 135 -7.27 5.31 21.26
C ALA B 135 -7.09 3.82 21.38
N GLU B 136 -8.20 3.10 21.54
CA GLU B 136 -8.16 1.67 21.73
C GLU B 136 -9.21 0.93 20.95
N ILE B 137 -8.92 -0.33 20.59
CA ILE B 137 -9.86 -1.20 19.90
C ILE B 137 -10.09 -2.47 20.73
N ASN B 138 -11.19 -3.18 20.47
CA ASN B 138 -11.47 -4.41 21.19
C ASN B 138 -10.86 -5.64 20.54
N ARG B 139 -10.76 -5.65 19.22
CA ARG B 139 -10.26 -6.80 18.48
C ARG B 139 -9.03 -6.45 17.67
N PRO B 140 -7.83 -6.51 18.28
CA PRO B 140 -6.61 -6.24 17.48
C PRO B 140 -6.26 -7.38 16.54
N ASP B 141 -6.90 -8.57 16.70
CA ASP B 141 -6.72 -9.71 15.82
C ASP B 141 -7.29 -9.42 14.42
N TYR B 142 -8.24 -8.45 14.30
CA TYR B 142 -8.77 -8.07 13.01
C TYR B 142 -8.14 -6.80 12.42
N LEU B 143 -7.11 -6.22 13.04
CA LEU B 143 -6.47 -5.03 12.51
C LEU B 143 -5.86 -5.25 11.14
N ASP B 144 -5.77 -4.19 10.34
CA ASP B 144 -5.15 -4.27 9.03
C ASP B 144 -3.91 -3.40 9.00
N PHE B 145 -2.77 -3.98 9.40
CA PHE B 145 -1.46 -3.30 9.40
C PHE B 145 -0.99 -2.99 7.95
N ALA B 146 -1.60 -3.67 6.94
CA ALA B 146 -1.37 -3.56 5.49
C ALA B 146 -1.63 -2.16 4.97
N GLU B 147 -2.56 -1.43 5.59
CA GLU B 147 -2.83 -0.07 5.16
C GLU B 147 -2.15 0.91 6.12
N SER B 148 -0.97 1.44 5.66
CA SER B 148 -0.07 2.35 6.38
C SER B 148 -0.72 3.72 6.72
N GLY B 149 -1.19 4.44 5.70
CA GLY B 149 -1.80 5.75 5.85
C GLY B 149 -3.21 5.73 6.40
N GLN B 150 -3.64 4.58 6.99
CA GLN B 150 -4.98 4.49 7.52
C GLN B 150 -5.09 4.21 9.02
N VAL B 151 -4.13 3.53 9.72
CA VAL B 151 -4.29 3.41 11.19
C VAL B 151 -3.50 4.53 11.90
N TYR B 152 -4.22 5.50 12.47
CA TYR B 152 -3.58 6.65 13.10
C TYR B 152 -4.38 7.21 14.27
N PHE B 153 -3.77 8.14 15.00
CA PHE B 153 -4.34 8.78 16.15
C PHE B 153 -3.55 10.05 16.36
N GLY B 154 -4.20 11.18 16.58
CA GLY B 154 -3.49 12.44 16.79
C GLY B 154 -4.28 13.49 17.55
N ILE B 155 -3.60 14.59 17.89
CA ILE B 155 -4.17 15.74 18.58
C ILE B 155 -3.58 17.04 18.04
N ILE B 156 -4.35 18.12 18.06
CA ILE B 156 -3.92 19.42 17.54
C ILE B 156 -4.45 20.49 18.48
N ALA B 157 -3.59 21.25 19.18
CA ALA B 157 -4.05 22.31 20.07
C ALA B 157 -4.51 23.48 19.20
N LEU B 158 -5.68 24.06 19.48
CA LEU B 158 -6.25 25.14 18.68
C LEU B 158 -5.77 26.53 19.07
N PRO C 9 -4.53 31.22 25.75
CA PRO C 9 -5.84 30.63 25.43
C PRO C 9 -6.32 30.93 24.01
N SER C 10 -7.32 30.17 23.52
CA SER C 10 -7.84 30.40 22.16
C SER C 10 -9.17 31.13 22.11
N ASP C 11 -9.26 32.18 21.27
CA ASP C 11 -10.48 32.96 21.04
C ASP C 11 -11.36 32.39 19.92
N LYS C 12 -10.97 31.21 19.38
CA LYS C 12 -11.59 30.44 18.29
C LYS C 12 -12.97 29.90 18.67
N PRO C 13 -14.04 30.25 17.93
CA PRO C 13 -15.34 29.63 18.24
C PRO C 13 -15.31 28.12 18.02
N VAL C 14 -15.61 27.36 19.08
CA VAL C 14 -15.65 25.90 19.05
C VAL C 14 -16.88 25.39 19.74
N ALA C 15 -17.34 24.20 19.36
CA ALA C 15 -18.51 23.58 19.99
C ALA C 15 -18.44 22.08 19.87
N HIS C 16 -18.87 21.37 20.90
CA HIS C 16 -18.96 19.92 20.93
C HIS C 16 -20.16 19.56 21.81
N VAL C 17 -21.30 19.26 21.19
CA VAL C 17 -22.49 18.89 21.90
C VAL C 17 -22.73 17.38 21.78
N VAL C 18 -23.33 16.80 22.82
CA VAL C 18 -23.59 15.36 22.90
C VAL C 18 -25.09 15.07 23.03
N ALA C 19 -25.55 13.90 22.54
CA ALA C 19 -26.96 13.54 22.59
C ALA C 19 -27.43 13.19 23.98
N ASN C 20 -28.65 13.62 24.32
CA ASN C 20 -29.29 13.33 25.59
C ASN C 20 -29.82 11.89 25.59
N PRO C 21 -29.33 11.04 26.52
CA PRO C 21 -29.81 9.63 26.56
C PRO C 21 -31.26 9.46 27.04
N GLN C 22 -32.05 10.54 27.01
CA GLN C 22 -33.42 10.48 27.47
C GLN C 22 -34.30 11.53 26.83
N ALA C 23 -34.25 11.59 25.50
CA ALA C 23 -35.13 12.48 24.75
C ALA C 23 -35.89 11.55 23.79
N GLU C 24 -37.05 11.02 24.28
CA GLU C 24 -37.86 10.02 23.59
C GLU C 24 -38.15 10.32 22.11
N GLY C 25 -37.68 9.39 21.28
CA GLY C 25 -37.87 9.42 19.85
C GLY C 25 -37.38 10.70 19.21
N GLN C 26 -36.18 11.16 19.62
CA GLN C 26 -35.52 12.34 19.04
C GLN C 26 -34.04 12.43 19.43
N LEU C 27 -33.30 13.17 18.61
CA LEU C 27 -31.89 13.43 18.82
C LEU C 27 -31.76 14.85 19.35
N GLN C 28 -31.62 14.98 20.67
CA GLN C 28 -31.53 16.27 21.33
C GLN C 28 -30.12 16.55 21.83
N TRP C 29 -29.50 17.65 21.38
CA TRP C 29 -28.12 18.01 21.72
C TRP C 29 -27.96 18.79 23.01
N LEU C 30 -26.89 18.49 23.78
CA LEU C 30 -26.61 19.16 25.07
C LEU C 30 -25.17 19.63 25.17
N ASN C 31 -24.95 20.75 25.86
CA ASN C 31 -23.61 21.26 26.15
C ASN C 31 -23.31 21.13 27.65
N ARG C 32 -24.35 21.16 28.52
CA ARG C 32 -24.24 21.06 29.99
C ARG C 32 -23.94 19.62 30.49
N ARG C 33 -22.98 18.96 29.83
CA ARG C 33 -22.55 17.61 30.18
C ARG C 33 -21.00 17.55 30.20
N ALA C 34 -20.45 16.53 30.84
CA ALA C 34 -19.00 16.37 30.94
C ALA C 34 -18.47 16.01 29.59
N ASN C 35 -17.36 16.64 29.17
CA ASN C 35 -16.72 16.42 27.89
C ASN C 35 -17.56 16.86 26.70
N ALA C 36 -18.33 17.93 26.91
CA ALA C 36 -19.17 18.59 25.92
C ALA C 36 -19.12 20.09 26.25
N LEU C 37 -19.00 20.95 25.23
CA LEU C 37 -18.90 22.39 25.47
C LEU C 37 -19.42 23.28 24.33
N LEU C 38 -19.61 24.56 24.62
CA LEU C 38 -19.89 25.65 23.69
C LEU C 38 -18.94 26.76 24.13
N ALA C 39 -18.12 27.28 23.22
CA ALA C 39 -17.15 28.29 23.59
C ALA C 39 -16.94 29.38 22.54
N ASN C 40 -16.46 30.55 22.98
CA ASN C 40 -16.09 31.70 22.17
C ASN C 40 -17.18 32.17 21.21
N GLY C 41 -18.43 32.15 21.67
CA GLY C 41 -19.55 32.67 20.88
C GLY C 41 -20.56 31.69 20.33
N VAL C 42 -20.18 30.42 20.16
CA VAL C 42 -21.10 29.42 19.62
C VAL C 42 -22.24 29.20 20.60
N GLU C 43 -23.48 29.27 20.11
CA GLU C 43 -24.66 29.07 20.94
C GLU C 43 -25.45 27.84 20.49
N LEU C 44 -26.20 27.24 21.41
CA LEU C 44 -27.05 26.09 21.08
C LEU C 44 -28.46 26.60 21.29
N ARG C 45 -29.16 26.91 20.20
CA ARG C 45 -30.52 27.46 20.21
C ARG C 45 -31.43 26.57 19.39
N ASP C 46 -32.56 26.13 19.99
CA ASP C 46 -33.54 25.26 19.34
C ASP C 46 -32.89 24.03 18.65
N ASN C 47 -32.01 23.32 19.37
CA ASN C 47 -31.31 22.13 18.89
C ASN C 47 -30.30 22.39 17.74
N GLN C 48 -29.93 23.66 17.53
CA GLN C 48 -29.01 24.02 16.46
C GLN C 48 -27.83 24.84 16.94
N LEU C 49 -26.67 24.67 16.32
CA LEU C 49 -25.50 25.45 16.67
C LEU C 49 -25.48 26.74 15.87
N VAL C 50 -25.45 27.88 16.54
CA VAL C 50 -25.42 29.18 15.90
C VAL C 50 -23.99 29.67 15.74
N VAL C 51 -23.57 29.84 14.50
CA VAL C 51 -22.25 30.30 14.12
C VAL C 51 -22.12 31.76 14.57
N PRO C 52 -21.14 32.08 15.42
CA PRO C 52 -21.01 33.45 15.93
C PRO C 52 -20.32 34.44 15.00
N SER C 53 -19.51 33.95 14.05
CA SER C 53 -18.75 34.83 13.15
C SER C 53 -18.44 34.16 11.83
N GLU C 54 -18.32 34.96 10.75
CA GLU C 54 -17.98 34.45 9.43
C GLU C 54 -16.58 33.78 9.45
N GLY C 55 -16.44 32.69 8.68
CA GLY C 55 -15.16 32.00 8.59
C GLY C 55 -15.29 30.56 8.13
N LEU C 56 -14.15 29.86 8.07
CA LEU C 56 -14.14 28.46 7.68
C LEU C 56 -14.27 27.65 8.94
N TYR C 57 -15.14 26.67 8.92
CA TYR C 57 -15.39 25.82 10.08
C TYR C 57 -15.26 24.36 9.73
N LEU C 58 -14.73 23.56 10.65
CA LEU C 58 -14.74 22.13 10.49
C LEU C 58 -16.05 21.69 11.16
N ILE C 59 -16.90 21.02 10.41
CA ILE C 59 -18.15 20.53 10.95
C ILE C 59 -18.06 19.03 10.97
N TYR C 60 -18.48 18.45 12.05
CA TYR C 60 -18.47 17.02 12.20
C TYR C 60 -19.65 16.55 13.03
N SER C 61 -19.92 15.25 12.95
CA SER C 61 -21.01 14.67 13.70
C SER C 61 -20.98 13.16 13.57
N GLN C 62 -21.32 12.46 14.65
CA GLN C 62 -21.41 11.02 14.61
C GLN C 62 -22.65 10.56 15.32
N VAL C 63 -23.31 9.57 14.75
CA VAL C 63 -24.44 8.92 15.37
C VAL C 63 -24.16 7.42 15.31
N LEU C 64 -24.62 6.68 16.30
CA LEU C 64 -24.45 5.25 16.30
C LEU C 64 -25.82 4.61 16.35
N PHE C 65 -26.12 3.78 15.36
CA PHE C 65 -27.38 3.07 15.31
C PHE C 65 -27.16 1.63 15.77
N LYS C 66 -28.21 1.01 16.35
CA LYS C 66 -28.16 -0.36 16.81
C LYS C 66 -29.56 -0.93 16.72
N GLY C 67 -29.66 -2.14 16.19
CA GLY C 67 -30.95 -2.82 16.07
C GLY C 67 -30.81 -4.26 16.50
N GLN C 68 -31.50 -4.63 17.58
CA GLN C 68 -31.50 -5.96 18.16
C GLN C 68 -32.23 -6.86 17.21
N GLY C 69 -31.48 -7.64 16.44
CA GLY C 69 -32.07 -8.50 15.44
C GLY C 69 -32.37 -7.71 14.19
N CYS C 70 -32.15 -8.32 13.01
CA CYS C 70 -32.41 -7.63 11.76
C CYS C 70 -33.90 -7.52 11.50
N PRO C 71 -34.47 -6.30 11.60
CA PRO C 71 -35.93 -6.13 11.43
C PRO C 71 -36.57 -6.79 10.21
N SER C 72 -37.89 -7.05 10.31
CA SER C 72 -38.65 -7.67 9.23
C SER C 72 -38.97 -6.68 8.10
N THR C 73 -38.04 -5.78 7.78
CA THR C 73 -38.19 -4.80 6.71
C THR C 73 -36.82 -4.29 6.29
N HIS C 74 -36.72 -3.75 5.07
CA HIS C 74 -35.49 -3.13 4.63
C HIS C 74 -35.53 -1.76 5.32
N VAL C 75 -34.49 -1.48 6.11
CA VAL C 75 -34.43 -0.27 6.92
C VAL C 75 -33.45 0.74 6.36
N LEU C 76 -33.88 2.03 6.29
CA LEU C 76 -32.98 3.09 5.83
C LEU C 76 -32.62 3.98 6.99
N LEU C 77 -31.32 4.21 7.18
CA LEU C 77 -30.82 5.05 8.26
C LEU C 77 -30.13 6.22 7.65
N THR C 78 -30.56 7.43 7.95
CA THR C 78 -29.94 8.62 7.41
C THR C 78 -29.42 9.52 8.51
N HIS C 79 -28.39 10.27 8.21
CA HIS C 79 -27.80 11.24 9.11
C HIS C 79 -27.42 12.41 8.24
N THR C 80 -27.84 13.61 8.64
CA THR C 80 -27.59 14.80 7.81
C THR C 80 -27.23 16.04 8.63
N ILE C 81 -26.17 16.75 8.25
CA ILE C 81 -25.83 18.02 8.86
C ILE C 81 -26.29 19.09 7.89
N SER C 82 -27.18 19.98 8.31
CA SER C 82 -27.76 21.03 7.46
C SER C 82 -27.31 22.42 7.87
N ARG C 83 -27.45 23.36 6.96
CA ARG C 83 -27.11 24.75 7.21
C ARG C 83 -28.31 25.62 6.94
N ILE C 84 -28.70 26.47 7.89
CA ILE C 84 -29.81 27.40 7.69
C ILE C 84 -29.24 28.80 7.78
N ALA C 85 -28.95 29.43 6.65
CA ALA C 85 -28.39 30.79 6.63
C ALA C 85 -29.25 31.81 7.41
N VAL C 86 -28.61 32.90 7.87
CA VAL C 86 -29.32 33.94 8.62
C VAL C 86 -30.28 34.63 7.67
N SER C 87 -31.57 34.21 7.68
CA SER C 87 -32.72 34.63 6.87
C SER C 87 -33.52 33.39 6.45
N TYR C 88 -32.82 32.35 5.93
CA TYR C 88 -33.39 31.07 5.52
C TYR C 88 -34.35 30.46 6.55
N GLN C 89 -35.27 29.61 6.09
CA GLN C 89 -36.24 28.96 6.96
C GLN C 89 -35.92 27.46 7.14
N THR C 90 -35.37 26.81 6.10
CA THR C 90 -35.12 25.36 6.19
C THR C 90 -33.64 24.98 5.80
N LYS C 91 -33.30 23.71 6.08
CA LYS C 91 -32.05 23.04 5.78
C LYS C 91 -31.56 23.30 4.35
N VAL C 92 -30.25 23.09 4.16
CA VAL C 92 -29.45 23.14 2.95
C VAL C 92 -28.40 22.09 3.31
N ASN C 93 -28.50 20.88 2.76
CA ASN C 93 -27.62 19.78 3.15
C ASN C 93 -26.13 20.09 3.00
N LEU C 94 -25.32 19.88 4.03
CA LEU C 94 -23.88 20.07 3.94
C LEU C 94 -23.22 18.71 3.77
N LEU C 95 -23.57 17.78 4.66
CA LEU C 95 -23.05 16.42 4.65
C LEU C 95 -24.21 15.50 4.93
N SER C 96 -24.29 14.37 4.25
CA SER C 96 -25.40 13.44 4.45
C SER C 96 -25.00 12.04 4.04
N ALA C 97 -25.44 11.06 4.79
CA ALA C 97 -25.17 9.66 4.49
C ALA C 97 -26.40 8.82 4.73
N ILE C 98 -26.55 7.75 3.95
CA ILE C 98 -27.69 6.85 4.05
C ILE C 98 -27.17 5.45 4.01
N LYS C 99 -27.47 4.68 5.04
CA LYS C 99 -27.00 3.31 5.15
C LYS C 99 -28.19 2.30 5.34
N SER C 100 -28.09 1.12 4.71
CA SER C 100 -29.08 0.04 4.79
C SER C 100 -28.45 -1.07 5.63
N PRO C 101 -28.77 -1.15 6.93
CA PRO C 101 -28.13 -2.16 7.78
C PRO C 101 -28.59 -3.61 7.54
N CYS C 102 -29.87 -3.79 7.12
CA CYS C 102 -30.51 -5.09 6.98
C CYS C 102 -30.59 -5.64 5.57
N GLN C 103 -29.67 -6.56 5.20
CA GLN C 103 -29.66 -7.20 3.89
C GLN C 103 -30.76 -8.26 3.78
N ARG C 104 -30.93 -9.07 4.85
CA ARG C 104 -31.92 -10.16 4.94
C ARG C 104 -32.60 -10.14 6.36
N GLU C 105 -32.91 -11.33 6.97
CA GLU C 105 -33.52 -11.46 8.30
C GLU C 105 -33.76 -12.93 8.70
N LYS C 113 -29.43 -11.73 16.39
CA LYS C 113 -28.12 -11.06 16.41
C LYS C 113 -28.21 -9.54 16.17
N PRO C 114 -27.70 -8.74 17.14
CA PRO C 114 -27.80 -7.28 17.03
C PRO C 114 -26.82 -6.65 16.07
N TRP C 115 -27.29 -5.74 15.24
CA TRP C 115 -26.42 -5.04 14.30
C TRP C 115 -26.02 -3.66 14.81
N TYR C 116 -24.91 -3.12 14.31
CA TYR C 116 -24.43 -1.79 14.70
C TYR C 116 -24.03 -1.02 13.45
N GLU C 117 -24.46 0.26 13.35
CA GLU C 117 -24.08 1.08 12.21
C GLU C 117 -23.75 2.50 12.60
N PRO C 118 -22.46 2.85 12.65
CA PRO C 118 -22.11 4.25 12.94
C PRO C 118 -22.10 5.09 11.66
N ILE C 119 -22.50 6.35 11.77
CA ILE C 119 -22.43 7.27 10.64
C ILE C 119 -21.61 8.48 11.08
N TYR C 120 -20.47 8.72 10.42
CA TYR C 120 -19.60 9.84 10.75
C TYR C 120 -19.49 10.81 9.58
N LEU C 121 -20.00 12.01 9.81
CA LEU C 121 -19.93 13.06 8.80
C LEU C 121 -18.90 14.11 9.24
N GLY C 122 -18.15 14.65 8.30
CA GLY C 122 -17.20 15.71 8.60
C GLY C 122 -16.69 16.36 7.34
N GLY C 123 -16.48 17.66 7.43
CA GLY C 123 -15.96 18.46 6.31
C GLY C 123 -15.68 19.90 6.70
N VAL C 124 -14.97 20.65 5.85
CA VAL C 124 -14.68 22.05 6.12
C VAL C 124 -15.61 22.91 5.28
N PHE C 125 -16.32 23.86 5.91
CA PHE C 125 -17.31 24.71 5.24
C PHE C 125 -17.18 26.20 5.55
N GLN C 126 -17.46 27.07 4.59
CA GLN C 126 -17.44 28.51 4.83
C GLN C 126 -18.83 28.85 5.37
N LEU C 127 -18.89 29.44 6.56
CA LEU C 127 -20.14 29.83 7.20
C LEU C 127 -20.19 31.34 7.50
N GLU C 128 -21.40 31.87 7.67
CA GLU C 128 -21.60 33.29 7.94
C GLU C 128 -22.16 33.58 9.35
N LYS C 129 -22.15 34.84 9.77
CA LYS C 129 -22.65 35.28 11.07
C LYS C 129 -24.17 34.98 11.26
N GLY C 130 -24.48 34.14 12.24
CA GLY C 130 -25.87 33.81 12.53
C GLY C 130 -26.45 32.59 11.85
N ASP C 131 -25.63 31.80 11.17
CA ASP C 131 -26.11 30.59 10.51
C ASP C 131 -26.36 29.51 11.51
N ARG C 132 -27.42 28.73 11.33
CA ARG C 132 -27.77 27.67 12.25
C ARG C 132 -27.45 26.29 11.65
N LEU C 133 -26.73 25.46 12.40
CA LEU C 133 -26.33 24.13 11.94
C LEU C 133 -27.07 23.07 12.73
N SER C 134 -27.60 22.07 12.04
CA SER C 134 -28.36 21.02 12.70
C SER C 134 -27.87 19.64 12.28
N ALA C 135 -27.71 18.71 13.22
CA ALA C 135 -27.34 17.34 12.89
C ALA C 135 -28.57 16.51 13.14
N GLU C 136 -29.18 15.91 12.10
CA GLU C 136 -30.45 15.20 12.24
C GLU C 136 -30.47 13.80 11.65
N ILE C 137 -31.25 12.91 12.24
CA ILE C 137 -31.37 11.53 11.76
C ILE C 137 -32.84 11.23 11.46
N ASN C 138 -33.10 10.17 10.68
CA ASN C 138 -34.48 9.80 10.37
C ASN C 138 -35.08 8.83 11.39
N ARG C 139 -34.27 7.95 11.96
CA ARG C 139 -34.75 6.95 12.88
C ARG C 139 -34.11 7.09 14.25
N PRO C 140 -34.67 7.93 15.13
CA PRO C 140 -34.12 8.05 16.49
C PRO C 140 -34.46 6.85 17.38
N ASP C 141 -35.36 5.97 16.92
CA ASP C 141 -35.73 4.74 17.60
C ASP C 141 -34.55 3.72 17.57
N TYR C 142 -33.63 3.85 16.59
CA TYR C 142 -32.47 2.99 16.52
C TYR C 142 -31.20 3.59 17.12
N LEU C 143 -31.25 4.78 17.73
CA LEU C 143 -30.07 5.40 18.33
C LEU C 143 -29.47 4.55 19.44
N ASP C 144 -28.18 4.76 19.76
CA ASP C 144 -27.54 4.03 20.86
C ASP C 144 -26.79 4.94 21.86
N PHE C 145 -27.28 4.99 23.09
CA PHE C 145 -26.64 5.75 24.18
C PHE C 145 -26.15 4.80 25.29
N ALA C 146 -26.00 3.48 25.01
CA ALA C 146 -25.55 2.51 26.01
C ALA C 146 -24.10 2.81 26.50
N GLU C 147 -23.35 3.64 25.78
CA GLU C 147 -22.01 4.06 26.19
C GLU C 147 -21.80 5.56 25.93
N SER C 148 -20.87 6.19 26.66
CA SER C 148 -20.55 7.60 26.50
C SER C 148 -19.76 7.87 25.21
N GLY C 149 -19.94 9.07 24.67
CA GLY C 149 -19.23 9.54 23.50
C GLY C 149 -19.52 8.89 22.16
N GLN C 150 -20.68 8.26 22.01
CA GLN C 150 -21.09 7.60 20.76
C GLN C 150 -21.91 8.49 19.84
N VAL C 151 -22.53 9.55 20.37
CA VAL C 151 -23.37 10.45 19.57
C VAL C 151 -23.01 11.91 19.88
N TYR C 152 -22.46 12.61 18.87
CA TYR C 152 -22.00 13.98 19.05
C TYR C 152 -22.10 14.80 17.78
N PHE C 153 -21.92 16.11 17.92
CA PHE C 153 -22.00 17.11 16.86
C PHE C 153 -21.15 18.27 17.33
N GLY C 154 -20.29 18.78 16.48
CA GLY C 154 -19.42 19.88 16.86
C GLY C 154 -18.98 20.69 15.68
N ILE C 155 -18.35 21.83 15.98
CA ILE C 155 -17.77 22.75 14.98
C ILE C 155 -16.47 23.37 15.52
N ILE C 156 -15.53 23.68 14.63
CA ILE C 156 -14.27 24.30 15.01
C ILE C 156 -13.95 25.37 13.99
N ALA C 157 -13.87 26.64 14.39
CA ALA C 157 -13.48 27.69 13.46
C ALA C 157 -11.99 27.56 13.20
N LEU C 158 -11.57 27.75 11.93
CA LEU C 158 -10.16 27.64 11.56
C LEU C 158 -9.46 29.02 11.60
N PRO D 9 16.37 12.89 -11.72
CA PRO D 9 16.41 13.30 -13.13
C PRO D 9 16.03 12.21 -14.13
N SER D 10 15.86 10.93 -13.70
CA SER D 10 15.57 9.87 -14.69
C SER D 10 14.21 10.00 -15.39
N ASP D 11 14.27 10.10 -16.71
CA ASP D 11 13.10 10.15 -17.58
C ASP D 11 12.68 8.76 -18.10
N LYS D 12 13.39 7.70 -17.71
CA LYS D 12 13.13 6.33 -18.16
C LYS D 12 11.84 5.75 -17.59
N PRO D 13 10.97 5.21 -18.44
CA PRO D 13 9.72 4.60 -17.93
C PRO D 13 9.94 3.33 -17.10
N VAL D 14 9.44 3.33 -15.86
CA VAL D 14 9.53 2.18 -14.97
C VAL D 14 8.19 1.93 -14.30
N ALA D 15 7.93 0.68 -14.00
CA ALA D 15 6.74 0.26 -13.28
C ALA D 15 7.06 -0.84 -12.24
N HIS D 16 6.30 -0.83 -11.15
CA HIS D 16 6.36 -1.85 -10.10
C HIS D 16 5.00 -1.91 -9.46
N VAL D 17 4.15 -2.81 -9.92
CA VAL D 17 2.82 -2.98 -9.36
C VAL D 17 2.76 -4.22 -8.49
N VAL D 18 1.92 -4.19 -7.45
CA VAL D 18 1.78 -5.29 -6.50
C VAL D 18 0.33 -5.80 -6.46
N ALA D 19 0.13 -7.09 -6.14
CA ALA D 19 -1.22 -7.66 -6.05
C ALA D 19 -2.02 -6.96 -4.96
N ASN D 20 -3.31 -6.74 -5.18
CA ASN D 20 -4.18 -6.07 -4.24
C ASN D 20 -4.81 -7.04 -3.24
N PRO D 21 -4.52 -6.83 -1.93
CA PRO D 21 -5.07 -7.71 -0.90
C PRO D 21 -6.60 -7.79 -0.85
N GLN D 22 -7.29 -6.69 -1.14
CA GLN D 22 -8.75 -6.66 -1.13
C GLN D 22 -9.32 -7.52 -2.23
N ALA D 23 -8.65 -7.59 -3.38
CA ALA D 23 -9.11 -8.40 -4.49
C ALA D 23 -8.68 -9.85 -4.32
N GLU D 24 -9.12 -10.48 -3.22
CA GLU D 24 -8.82 -11.88 -2.96
C GLU D 24 -9.63 -12.76 -3.93
N GLY D 25 -8.99 -13.80 -4.47
CA GLY D 25 -9.59 -14.71 -5.45
C GLY D 25 -9.38 -14.32 -6.90
N GLN D 26 -8.38 -13.47 -7.12
CA GLN D 26 -7.92 -12.96 -8.42
C GLN D 26 -6.58 -12.23 -8.24
N LEU D 27 -5.87 -12.04 -9.34
CA LEU D 27 -4.60 -11.32 -9.30
C LEU D 27 -4.83 -9.93 -9.88
N GLN D 28 -5.07 -8.94 -9.00
CA GLN D 28 -5.36 -7.59 -9.40
C GLN D 28 -4.21 -6.69 -9.07
N TRP D 29 -3.61 -6.12 -10.11
CA TRP D 29 -2.46 -5.25 -9.98
C TRP D 29 -2.79 -3.90 -9.46
N LEU D 30 -1.91 -3.35 -8.65
CA LEU D 30 -2.15 -2.04 -8.07
C LEU D 30 -0.88 -1.31 -7.79
N ASN D 31 -0.84 -0.03 -8.09
CA ASN D 31 0.30 0.81 -7.77
C ASN D 31 0.06 1.33 -6.37
N ARG D 32 -0.11 0.39 -5.43
CA ARG D 32 -0.45 0.60 -4.02
C ARG D 32 0.38 1.65 -3.25
N ARG D 33 -0.37 2.31 -2.33
CA ARG D 33 -0.09 3.40 -1.37
C ARG D 33 1.35 3.96 -1.41
N ALA D 34 2.29 3.15 -1.00
CA ALA D 34 3.68 3.52 -0.94
C ALA D 34 4.37 2.19 -0.85
N ASN D 35 5.17 1.91 -1.88
CA ASN D 35 5.99 0.70 -2.04
C ASN D 35 5.42 -0.20 -3.14
N ALA D 36 5.19 0.48 -4.30
CA ALA D 36 4.63 0.13 -5.61
C ALA D 36 4.43 1.47 -6.36
N LEU D 37 4.77 1.52 -7.66
CA LEU D 37 4.68 2.76 -8.43
C LEU D 37 4.52 2.58 -9.94
N LEU D 38 4.14 3.68 -10.62
CA LEU D 38 4.09 3.86 -12.07
C LEU D 38 4.80 5.18 -12.31
N ALA D 39 5.83 5.21 -13.16
CA ALA D 39 6.60 6.44 -13.39
C ALA D 39 6.99 6.65 -14.84
N ASN D 40 7.23 7.92 -15.21
CA ASN D 40 7.66 8.36 -16.53
C ASN D 40 6.82 7.84 -17.71
N GLY D 41 5.51 7.78 -17.52
CA GLY D 41 4.63 7.42 -18.62
C GLY D 41 3.92 6.09 -18.53
N VAL D 42 4.44 5.13 -17.75
CA VAL D 42 3.80 3.83 -17.64
C VAL D 42 2.43 3.96 -17.01
N GLU D 43 1.43 3.29 -17.58
CA GLU D 43 0.04 3.35 -17.13
C GLU D 43 -0.47 1.98 -16.62
N LEU D 44 -1.50 1.97 -15.76
CA LEU D 44 -2.11 0.71 -15.35
C LEU D 44 -3.56 0.81 -15.74
N ARG D 45 -3.92 0.20 -16.87
CA ARG D 45 -5.28 0.23 -17.41
C ARG D 45 -5.82 -1.17 -17.58
N ASP D 46 -7.04 -1.43 -17.02
CA ASP D 46 -7.71 -2.73 -17.06
C ASP D 46 -6.75 -3.89 -16.68
N ASN D 47 -6.04 -3.75 -15.53
CA ASN D 47 -5.09 -4.75 -15.00
C ASN D 47 -3.85 -4.98 -15.87
N GLN D 48 -3.56 -4.05 -16.81
CA GLN D 48 -2.43 -4.19 -17.70
C GLN D 48 -1.53 -2.97 -17.72
N LEU D 49 -0.22 -3.18 -17.87
CA LEU D 49 0.73 -2.09 -17.94
C LEU D 49 0.86 -1.60 -19.36
N VAL D 50 0.60 -0.31 -19.58
CA VAL D 50 0.69 0.31 -20.89
C VAL D 50 2.06 0.91 -21.12
N VAL D 51 2.79 0.37 -22.12
CA VAL D 51 4.13 0.83 -22.49
C VAL D 51 3.99 2.21 -23.05
N PRO D 52 4.71 3.19 -22.48
CA PRO D 52 4.56 4.57 -22.98
C PRO D 52 5.39 4.93 -24.21
N SER D 53 6.46 4.17 -24.50
CA SER D 53 7.31 4.47 -25.64
C SER D 53 8.01 3.23 -26.18
N GLU D 54 8.36 3.23 -27.48
CA GLU D 54 9.07 2.10 -28.07
C GLU D 54 10.48 1.92 -27.41
N GLY D 55 10.94 0.68 -27.28
CA GLY D 55 12.27 0.41 -26.73
C GLY D 55 12.45 -0.99 -26.19
N LEU D 56 13.64 -1.30 -25.63
CA LEU D 56 13.86 -2.60 -25.01
C LEU D 56 13.52 -2.46 -23.57
N TYR D 57 12.69 -3.36 -23.07
CA TYR D 57 12.26 -3.33 -21.69
C TYR D 57 12.59 -4.64 -21.01
N LEU D 58 12.78 -4.61 -19.68
CA LEU D 58 12.92 -5.80 -18.86
C LEU D 58 11.52 -5.98 -18.31
N ILE D 59 10.95 -7.15 -18.52
CA ILE D 59 9.65 -7.48 -17.98
C ILE D 59 9.88 -8.55 -16.95
N TYR D 60 9.59 -8.25 -15.70
CA TYR D 60 9.77 -9.21 -14.60
C TYR D 60 8.47 -9.35 -13.81
N SER D 61 8.33 -10.47 -13.08
CA SER D 61 7.15 -10.71 -12.28
C SER D 61 7.39 -11.88 -11.36
N GLN D 62 6.79 -11.83 -10.18
CA GLN D 62 6.87 -12.91 -9.24
C GLN D 62 5.53 -13.15 -8.60
N VAL D 63 5.15 -14.41 -8.48
CA VAL D 63 3.95 -14.81 -7.78
C VAL D 63 4.36 -15.83 -6.71
N LEU D 64 3.71 -15.85 -5.54
CA LEU D 64 4.05 -16.82 -4.51
C LEU D 64 2.81 -17.62 -4.11
N PHE D 65 2.88 -18.95 -4.23
CA PHE D 65 1.76 -19.82 -3.91
C PHE D 65 1.95 -20.48 -2.58
N LYS D 66 0.88 -20.60 -1.80
CA LYS D 66 0.96 -21.22 -0.49
C LYS D 66 -0.23 -22.12 -0.30
N GLY D 67 0.01 -23.41 -0.18
CA GLY D 67 -1.08 -24.36 0.00
C GLY D 67 -0.93 -25.13 1.28
N GLN D 68 -2.01 -25.29 2.06
CA GLN D 68 -1.91 -26.02 3.32
C GLN D 68 -2.01 -27.53 3.11
N GLY D 69 -0.93 -28.13 2.61
CA GLY D 69 -0.84 -29.56 2.36
C GLY D 69 -1.00 -29.96 0.91
N CYS D 70 -0.88 -31.25 0.61
CA CYS D 70 -1.02 -31.76 -0.75
C CYS D 70 -2.33 -32.53 -0.99
N VAL D 75 -2.03 -31.18 -9.60
CA VAL D 75 -1.92 -29.78 -9.17
C VAL D 75 -0.87 -29.01 -9.98
N LEU D 76 -1.33 -28.00 -10.77
CA LEU D 76 -0.44 -27.23 -11.64
C LEU D 76 -0.59 -25.74 -11.39
N LEU D 77 0.53 -25.04 -11.25
CA LEU D 77 0.54 -23.62 -11.00
C LEU D 77 1.23 -22.95 -12.17
N THR D 78 0.54 -22.06 -12.87
CA THR D 78 1.11 -21.38 -14.04
C THR D 78 1.14 -19.89 -13.83
N HIS D 79 2.07 -19.24 -14.49
CA HIS D 79 2.24 -17.81 -14.46
C HIS D 79 2.64 -17.41 -15.86
N THR D 80 1.94 -16.43 -16.45
CA THR D 80 2.16 -16.04 -17.83
C THR D 80 2.10 -14.53 -18.05
N ILE D 81 3.10 -13.98 -18.73
CA ILE D 81 3.11 -12.57 -19.08
C ILE D 81 2.77 -12.48 -20.57
N SER D 82 1.69 -11.77 -20.91
CA SER D 82 1.21 -11.63 -22.28
C SER D 82 1.36 -10.20 -22.82
N ARG D 83 1.36 -10.07 -24.15
CA ARG D 83 1.49 -8.78 -24.80
C ARG D 83 0.30 -8.52 -25.74
N ILE D 84 -0.26 -7.30 -25.68
CA ILE D 84 -1.32 -6.79 -26.53
C ILE D 84 -0.69 -5.69 -27.40
N ALA D 85 -0.91 -5.71 -28.71
CA ALA D 85 -0.36 -4.69 -29.61
C ALA D 85 -1.50 -3.95 -30.37
N VAL D 86 -1.18 -2.86 -31.11
CA VAL D 86 -2.21 -2.16 -31.88
C VAL D 86 -1.94 -2.29 -33.40
N LYS D 91 -2.56 -11.13 -25.53
CA LYS D 91 -2.96 -11.92 -26.71
C LYS D 91 -1.86 -12.91 -27.05
N VAL D 92 -0.59 -12.44 -27.13
CA VAL D 92 0.54 -13.32 -27.42
C VAL D 92 1.37 -13.57 -26.16
N ASN D 93 1.71 -14.84 -25.87
CA ASN D 93 2.54 -15.16 -24.70
C ASN D 93 3.99 -14.66 -24.86
N LEU D 94 4.53 -13.98 -23.85
CA LEU D 94 5.92 -13.53 -23.89
C LEU D 94 6.76 -14.49 -23.07
N LEU D 95 6.32 -14.76 -21.83
CA LEU D 95 6.98 -15.66 -20.90
C LEU D 95 5.92 -16.48 -20.23
N SER D 96 6.20 -17.76 -20.00
CA SER D 96 5.25 -18.60 -19.28
C SER D 96 5.99 -19.73 -18.56
N ALA D 97 5.60 -20.00 -17.32
CA ALA D 97 6.22 -21.02 -16.51
C ALA D 97 5.17 -21.85 -15.80
N ILE D 98 5.50 -23.10 -15.47
CA ILE D 98 4.57 -24.01 -14.81
C ILE D 98 5.31 -24.76 -13.70
N LYS D 99 4.70 -24.81 -12.50
CA LYS D 99 5.28 -25.53 -11.37
C LYS D 99 4.28 -26.56 -10.81
N SER D 100 4.81 -27.68 -10.33
CA SER D 100 4.01 -28.75 -9.74
C SER D 100 4.44 -28.85 -8.27
N PRO D 101 3.67 -28.28 -7.33
CA PRO D 101 4.09 -28.31 -5.93
C PRO D 101 4.04 -29.66 -5.23
N CYS D 102 3.36 -30.65 -5.81
CA CYS D 102 3.29 -31.98 -5.20
C CYS D 102 3.68 -33.08 -6.19
N LYS D 113 0.98 -29.38 7.17
CA LYS D 113 2.25 -29.07 6.51
C LYS D 113 2.07 -28.14 5.30
N PRO D 114 2.20 -26.80 5.46
CA PRO D 114 2.02 -25.91 4.30
C PRO D 114 3.22 -25.83 3.37
N TRP D 115 2.97 -25.91 2.05
CA TRP D 115 4.01 -25.77 1.04
C TRP D 115 4.08 -24.34 0.49
N TYR D 116 5.24 -23.97 -0.07
CA TYR D 116 5.44 -22.65 -0.66
C TYR D 116 6.10 -22.80 -2.02
N GLU D 117 5.57 -22.10 -3.04
CA GLU D 117 6.15 -22.14 -4.37
C GLU D 117 6.20 -20.78 -5.02
N PRO D 118 7.36 -20.12 -5.00
CA PRO D 118 7.46 -18.85 -5.70
C PRO D 118 7.76 -19.08 -7.17
N ILE D 119 7.16 -18.27 -8.03
CA ILE D 119 7.40 -18.36 -9.46
C ILE D 119 7.86 -17.04 -10.00
N TYR D 120 9.10 -17.00 -10.48
CA TYR D 120 9.60 -15.84 -11.19
C TYR D 120 9.38 -16.08 -12.69
N LEU D 121 9.20 -14.99 -13.43
CA LEU D 121 9.07 -14.92 -14.88
C LEU D 121 9.70 -13.61 -15.29
N GLY D 122 10.67 -13.64 -16.20
CA GLY D 122 11.38 -12.43 -16.61
C GLY D 122 12.14 -12.57 -17.90
N GLY D 123 12.25 -11.46 -18.62
CA GLY D 123 12.99 -11.42 -19.86
C GLY D 123 13.11 -10.02 -20.43
N VAL D 124 13.97 -9.86 -21.44
CA VAL D 124 14.12 -8.56 -22.09
C VAL D 124 13.36 -8.64 -23.42
N PHE D 125 12.48 -7.67 -23.68
CA PHE D 125 11.64 -7.66 -24.87
C PHE D 125 11.62 -6.31 -25.57
N GLN D 126 11.54 -6.31 -26.92
CA GLN D 126 11.39 -5.07 -27.67
C GLN D 126 9.88 -4.80 -27.67
N LEU D 127 9.48 -3.64 -27.13
CA LEU D 127 8.08 -3.29 -27.07
C LEU D 127 7.82 -1.98 -27.81
N GLU D 128 6.58 -1.80 -28.24
CA GLU D 128 6.16 -0.60 -28.96
C GLU D 128 5.30 0.28 -28.04
N LYS D 129 5.13 1.55 -28.41
CA LYS D 129 4.32 2.48 -27.65
C LYS D 129 2.85 2.02 -27.71
N GLY D 130 2.21 1.92 -26.57
CA GLY D 130 0.83 1.47 -26.49
C GLY D 130 0.64 -0.01 -26.20
N ASP D 131 1.74 -0.74 -25.92
CA ASP D 131 1.65 -2.17 -25.64
C ASP D 131 1.02 -2.45 -24.30
N ARG D 132 0.07 -3.38 -24.26
CA ARG D 132 -0.60 -3.73 -23.01
C ARG D 132 0.03 -5.02 -22.49
N LEU D 133 0.65 -4.98 -21.31
CA LEU D 133 1.30 -6.16 -20.75
C LEU D 133 0.51 -6.68 -19.58
N SER D 134 0.24 -8.00 -19.56
CA SER D 134 -0.55 -8.59 -18.50
C SER D 134 0.18 -9.77 -17.84
N ALA D 135 0.10 -9.88 -16.51
CA ALA D 135 0.74 -10.98 -15.80
C ALA D 135 -0.41 -11.75 -15.17
N GLU D 136 -0.59 -13.01 -15.55
CA GLU D 136 -1.72 -13.79 -15.08
C GLU D 136 -1.36 -15.17 -14.55
N ILE D 137 -2.14 -15.66 -13.60
CA ILE D 137 -1.95 -17.00 -13.02
C ILE D 137 -3.19 -17.85 -13.21
N ASN D 138 -3.06 -19.18 -13.10
CA ASN D 138 -4.22 -20.05 -13.26
C ASN D 138 -4.97 -20.29 -11.96
N ARG D 139 -4.26 -20.30 -10.83
CA ARG D 139 -4.88 -20.59 -9.55
C ARG D 139 -4.73 -19.45 -8.57
N PRO D 140 -5.64 -18.45 -8.60
CA PRO D 140 -5.54 -17.37 -7.61
C PRO D 140 -5.99 -17.78 -6.22
N ASP D 141 -6.60 -18.98 -6.08
CA ASP D 141 -6.99 -19.54 -4.79
C ASP D 141 -5.76 -19.94 -3.95
N TYR D 142 -4.59 -20.17 -4.60
CA TYR D 142 -3.37 -20.48 -3.90
C TYR D 142 -2.46 -19.27 -3.70
N LEU D 143 -2.92 -18.04 -4.00
CA LEU D 143 -2.10 -16.83 -3.87
C LEU D 143 -1.85 -16.41 -2.42
N ASP D 144 -0.58 -16.04 -2.11
CA ASP D 144 -0.23 -15.62 -0.76
C ASP D 144 -0.25 -14.10 -0.61
N PHE D 145 -1.26 -13.64 0.16
CA PHE D 145 -1.53 -12.24 0.50
C PHE D 145 -1.25 -11.97 1.99
N ALA D 146 -0.38 -12.77 2.64
CA ALA D 146 -0.07 -12.57 4.07
C ALA D 146 0.71 -11.24 4.29
N GLU D 147 1.90 -11.06 3.66
CA GLU D 147 2.64 -9.81 3.80
C GLU D 147 2.89 -9.14 2.42
N SER D 148 3.48 -7.93 2.41
CA SER D 148 3.73 -7.24 1.16
C SER D 148 5.04 -7.70 0.46
N GLY D 149 5.17 -7.35 -0.80
CA GLY D 149 6.35 -7.67 -1.57
C GLY D 149 6.46 -9.08 -2.10
N GLN D 150 5.48 -9.95 -1.88
CA GLN D 150 5.57 -11.34 -2.37
C GLN D 150 5.11 -11.53 -3.81
N VAL D 151 4.16 -10.70 -4.25
CA VAL D 151 3.56 -10.79 -5.58
C VAL D 151 3.65 -9.45 -6.31
N TYR D 152 4.45 -9.41 -7.37
CA TYR D 152 4.70 -8.17 -8.09
C TYR D 152 4.90 -8.39 -9.60
N PHE D 153 4.70 -7.30 -10.35
CA PHE D 153 4.83 -7.27 -11.78
C PHE D 153 5.41 -5.90 -12.09
N GLY D 154 6.51 -5.87 -12.83
CA GLY D 154 7.16 -4.62 -13.18
C GLY D 154 7.78 -4.63 -14.55
N ILE D 155 8.19 -3.45 -15.02
CA ILE D 155 8.88 -3.23 -16.29
C ILE D 155 9.92 -2.10 -16.11
N ILE D 156 11.02 -2.20 -16.86
CA ILE D 156 12.10 -1.21 -16.83
C ILE D 156 12.61 -0.96 -18.24
N ALA D 157 12.55 0.30 -18.73
CA ALA D 157 13.09 0.66 -20.05
C ALA D 157 14.64 0.69 -19.99
N LEU D 158 15.33 0.02 -20.96
CA LEU D 158 16.80 -0.05 -20.95
C LEU D 158 17.49 1.16 -21.57
N ASP E 11 25.78 6.66 -25.98
CA ASP E 11 26.94 7.32 -25.36
C ASP E 11 27.65 6.39 -24.33
N LYS E 12 26.87 5.49 -23.68
CA LYS E 12 27.39 4.54 -22.70
C LYS E 12 27.46 3.14 -23.30
N PRO E 13 28.62 2.46 -23.14
CA PRO E 13 28.76 1.09 -23.67
C PRO E 13 27.69 0.13 -23.13
N VAL E 14 27.08 -0.65 -24.03
CA VAL E 14 26.01 -1.56 -23.65
C VAL E 14 26.12 -2.93 -24.34
N ALA E 15 25.54 -3.97 -23.74
CA ALA E 15 25.56 -5.29 -24.36
C ALA E 15 24.42 -6.14 -23.85
N HIS E 16 23.88 -6.99 -24.73
CA HIS E 16 22.83 -7.95 -24.44
C HIS E 16 22.97 -9.07 -25.44
N VAL E 17 23.70 -10.13 -25.06
CA VAL E 17 23.93 -11.32 -25.87
C VAL E 17 22.93 -12.42 -25.45
N VAL E 18 22.54 -13.26 -26.42
CA VAL E 18 21.55 -14.33 -26.24
C VAL E 18 22.13 -15.68 -26.68
N ALA E 19 21.68 -16.77 -26.04
CA ALA E 19 22.19 -18.11 -26.36
C ALA E 19 21.79 -18.63 -27.73
N ASN E 20 22.72 -19.32 -28.40
CA ASN E 20 22.49 -19.93 -29.70
C ASN E 20 21.73 -21.24 -29.51
N PRO E 21 20.49 -21.31 -30.02
CA PRO E 21 19.71 -22.55 -29.87
C PRO E 21 20.28 -23.75 -30.63
N GLN E 22 21.03 -23.49 -31.72
CA GLN E 22 21.63 -24.54 -32.52
C GLN E 22 23.01 -25.00 -31.95
N ALA E 23 23.53 -24.33 -30.89
CA ALA E 23 24.82 -24.73 -30.31
C ALA E 23 24.65 -25.78 -29.22
N GLU E 24 24.50 -27.02 -29.65
CA GLU E 24 24.28 -28.18 -28.81
C GLU E 24 25.44 -28.50 -27.85
N GLY E 25 25.08 -28.84 -26.61
CA GLY E 25 26.03 -29.20 -25.57
C GLY E 25 26.92 -28.08 -25.06
N GLN E 26 26.45 -26.82 -25.23
CA GLN E 26 27.17 -25.65 -24.77
C GLN E 26 26.33 -24.38 -24.74
N LEU E 27 26.77 -23.40 -23.95
CA LEU E 27 26.11 -22.11 -23.84
C LEU E 27 26.94 -21.10 -24.62
N GLN E 28 26.55 -20.84 -25.88
CA GLN E 28 27.28 -19.93 -26.75
C GLN E 28 26.50 -18.66 -26.97
N TRP E 29 27.05 -17.51 -26.56
CA TRP E 29 26.35 -16.23 -26.71
C TRP E 29 26.47 -15.66 -28.13
N LEU E 30 25.45 -14.92 -28.59
CA LEU E 30 25.43 -14.27 -29.90
C LEU E 30 25.00 -12.82 -29.76
N ASN E 31 25.58 -11.95 -30.64
CA ASN E 31 25.30 -10.51 -30.73
C ASN E 31 24.49 -10.18 -32.02
N ALA E 39 27.21 -2.53 -28.18
CA ALA E 39 27.27 -1.13 -28.57
C ALA E 39 28.26 -0.30 -27.72
N ASN E 40 28.73 0.84 -28.28
CA ASN E 40 29.63 1.81 -27.63
C ASN E 40 31.00 1.28 -27.15
N GLY E 41 31.47 0.18 -27.72
CA GLY E 41 32.76 -0.38 -27.34
C GLY E 41 32.76 -1.80 -26.81
N VAL E 42 31.62 -2.28 -26.29
CA VAL E 42 31.56 -3.64 -25.74
C VAL E 42 31.76 -4.66 -26.86
N GLU E 43 32.66 -5.61 -26.66
CA GLU E 43 32.92 -6.63 -27.66
C GLU E 43 32.58 -8.02 -27.11
N LEU E 44 32.20 -8.94 -27.98
CA LEU E 44 31.93 -10.32 -27.59
C LEU E 44 33.05 -11.11 -28.27
N ARG E 45 34.03 -11.56 -27.49
CA ARG E 45 35.21 -12.23 -28.03
C ARG E 45 35.46 -13.50 -27.26
N ASP E 46 35.48 -14.65 -27.95
CA ASP E 46 35.68 -15.96 -27.35
C ASP E 46 34.65 -16.25 -26.25
N ASN E 47 33.37 -15.99 -26.54
CA ASN E 47 32.22 -16.20 -25.62
C ASN E 47 32.21 -15.31 -24.38
N GLN E 48 33.02 -14.24 -24.39
CA GLN E 48 33.10 -13.35 -23.23
C GLN E 48 32.93 -11.89 -23.61
N LEU E 49 32.31 -11.13 -22.73
CA LEU E 49 32.10 -9.71 -22.97
C LEU E 49 33.29 -8.89 -22.48
N VAL E 50 33.93 -8.16 -23.39
CA VAL E 50 35.07 -7.34 -23.06
C VAL E 50 34.63 -5.91 -22.71
N VAL E 51 34.92 -5.51 -21.47
CA VAL E 51 34.61 -4.19 -20.94
C VAL E 51 35.50 -3.20 -21.66
N PRO E 52 34.90 -2.21 -22.35
CA PRO E 52 35.73 -1.28 -23.13
C PRO E 52 36.36 -0.16 -22.32
N SER E 53 35.83 0.16 -21.15
CA SER E 53 36.37 1.26 -20.33
C SER E 53 36.08 1.07 -18.86
N GLU E 54 36.91 1.64 -17.99
CA GLU E 54 36.70 1.58 -16.55
C GLU E 54 35.39 2.29 -16.16
N GLY E 55 34.66 1.75 -15.20
CA GLY E 55 33.42 2.35 -14.72
C GLY E 55 32.51 1.38 -14.00
N LEU E 56 31.32 1.86 -13.59
CA LEU E 56 30.34 0.99 -12.91
C LEU E 56 29.42 0.41 -13.94
N TYR E 57 29.22 -0.90 -13.89
CA TYR E 57 28.40 -1.59 -14.86
C TYR E 57 27.34 -2.42 -14.19
N LEU E 58 26.20 -2.54 -14.83
CA LEU E 58 25.14 -3.41 -14.36
C LEU E 58 25.35 -4.69 -15.14
N ILE E 59 25.66 -5.77 -14.45
CA ILE E 59 25.85 -7.06 -15.09
C ILE E 59 24.63 -7.89 -14.76
N TYR E 60 24.02 -8.51 -15.75
CA TYR E 60 22.82 -9.32 -15.54
C TYR E 60 22.85 -10.57 -16.41
N SER E 61 22.03 -11.56 -16.07
CA SER E 61 21.98 -12.79 -16.84
C SER E 61 20.76 -13.66 -16.50
N GLN E 62 20.42 -14.58 -17.40
CA GLN E 62 19.37 -15.54 -17.12
C GLN E 62 19.55 -16.78 -17.92
N VAL E 63 19.42 -17.95 -17.29
CA VAL E 63 19.46 -19.22 -17.98
C VAL E 63 18.21 -19.99 -17.64
N LEU E 64 17.84 -20.86 -18.57
CA LEU E 64 16.63 -21.64 -18.47
C LEU E 64 16.88 -23.12 -18.55
N PHE E 65 16.70 -23.88 -17.45
CA PHE E 65 16.90 -25.32 -17.49
C PHE E 65 15.56 -26.08 -17.58
N LYS E 66 15.58 -27.26 -18.19
CA LYS E 66 14.42 -28.12 -18.34
C LYS E 66 14.86 -29.57 -18.38
N GLY E 67 14.18 -30.43 -17.62
CA GLY E 67 14.43 -31.86 -17.60
C GLY E 67 13.16 -32.64 -17.85
N GLN E 68 13.28 -33.91 -18.29
CA GLN E 68 12.09 -34.75 -18.55
C GLN E 68 11.70 -35.67 -17.39
N GLY E 69 12.05 -35.27 -16.18
CA GLY E 69 11.83 -36.05 -14.98
C GLY E 69 13.02 -36.00 -14.05
N CYS E 70 12.92 -36.73 -12.93
CA CYS E 70 14.00 -36.80 -11.97
C CYS E 70 14.64 -38.17 -11.91
N PRO E 71 15.92 -38.25 -12.33
CA PRO E 71 16.62 -39.55 -12.26
C PRO E 71 17.19 -39.84 -10.86
N SER E 72 17.81 -41.02 -10.67
CA SER E 72 18.40 -41.38 -9.37
C SER E 72 19.47 -40.34 -8.95
N THR E 73 20.23 -39.84 -9.94
CA THR E 73 21.25 -38.83 -9.80
C THR E 73 20.65 -37.54 -9.25
N HIS E 74 21.19 -37.03 -8.13
CA HIS E 74 20.70 -35.75 -7.63
C HIS E 74 21.46 -34.61 -8.27
N VAL E 75 20.88 -34.11 -9.35
CA VAL E 75 21.41 -33.05 -10.21
C VAL E 75 21.60 -31.70 -9.49
N LEU E 76 22.73 -31.03 -9.82
CA LEU E 76 23.05 -29.69 -9.39
C LEU E 76 23.16 -28.84 -10.64
N LEU E 77 22.48 -27.69 -10.63
CA LEU E 77 22.50 -26.78 -11.76
C LEU E 77 23.14 -25.49 -11.29
N THR E 78 24.22 -25.06 -11.93
CA THR E 78 24.89 -23.84 -11.53
C THR E 78 24.92 -22.84 -12.66
N HIS E 79 24.97 -21.57 -12.30
CA HIS E 79 25.08 -20.47 -13.22
C HIS E 79 25.97 -19.46 -12.54
N THR E 80 27.02 -19.02 -13.24
CA THR E 80 28.00 -18.12 -12.65
C THR E 80 28.48 -17.06 -13.64
N ILE E 81 28.52 -15.80 -13.22
CA ILE E 81 29.11 -14.73 -14.02
C ILE E 81 30.47 -14.46 -13.39
N SER E 82 31.55 -14.64 -14.17
CA SER E 82 32.92 -14.47 -13.71
C SER E 82 33.59 -13.25 -14.33
N ARG E 83 34.68 -12.79 -13.69
CA ARG E 83 35.43 -11.65 -14.17
C ARG E 83 36.85 -12.07 -14.36
N ILE E 84 37.39 -11.80 -15.55
CA ILE E 84 38.78 -12.13 -15.84
C ILE E 84 39.57 -10.86 -15.94
N ALA E 85 40.31 -10.59 -14.88
CA ALA E 85 41.19 -9.45 -14.71
C ALA E 85 42.15 -9.31 -15.88
N VAL E 86 42.20 -8.10 -16.46
CA VAL E 86 43.12 -7.77 -17.54
C VAL E 86 44.61 -7.99 -17.06
N SER E 87 44.87 -7.79 -15.74
CA SER E 87 46.17 -8.02 -15.09
C SER E 87 46.69 -9.49 -15.31
N TYR E 88 46.33 -10.44 -14.40
CA TYR E 88 46.59 -11.88 -14.48
C TYR E 88 45.23 -12.52 -14.84
N GLN E 89 45.22 -13.63 -15.60
CA GLN E 89 43.96 -14.20 -16.09
C GLN E 89 43.15 -15.00 -15.04
N THR E 90 43.08 -14.44 -13.83
CA THR E 90 42.38 -14.97 -12.67
C THR E 90 40.87 -14.80 -12.81
N LYS E 91 40.17 -15.93 -12.91
CA LYS E 91 38.72 -15.92 -12.99
C LYS E 91 38.19 -15.88 -11.58
N VAL E 92 37.47 -14.81 -11.25
CA VAL E 92 36.86 -14.59 -9.94
C VAL E 92 35.33 -14.54 -10.11
N ASN E 93 34.59 -15.21 -9.24
CA ASN E 93 33.12 -15.19 -9.28
C ASN E 93 32.55 -13.82 -8.90
N LEU E 94 31.61 -13.30 -9.71
CA LEU E 94 30.96 -12.03 -9.39
C LEU E 94 29.57 -12.32 -8.79
N LEU E 95 28.80 -13.14 -9.52
CA LEU E 95 27.45 -13.57 -9.14
C LEU E 95 27.36 -15.05 -9.44
N SER E 96 26.79 -15.83 -8.52
CA SER E 96 26.68 -17.27 -8.72
C SER E 96 25.51 -17.84 -7.96
N ALA E 97 24.83 -18.81 -8.55
CA ALA E 97 23.73 -19.49 -7.91
C ALA E 97 23.76 -20.98 -8.24
N ILE E 98 23.20 -21.78 -7.35
CA ILE E 98 23.16 -23.22 -7.54
C ILE E 98 21.76 -23.70 -7.16
N LYS E 99 21.13 -24.47 -8.03
CA LYS E 99 19.78 -24.98 -7.82
C LYS E 99 19.75 -26.51 -7.88
N SER E 100 18.90 -27.12 -7.07
CA SER E 100 18.72 -28.56 -7.08
C SER E 100 17.27 -28.80 -7.54
N PRO E 101 17.04 -29.14 -8.83
CA PRO E 101 15.67 -29.33 -9.31
C PRO E 101 14.96 -30.57 -8.77
N CYS E 102 15.71 -31.56 -8.22
CA CYS E 102 15.10 -32.78 -7.70
C CYS E 102 15.00 -32.82 -6.18
N LYS E 113 7.55 -36.72 -15.21
CA LYS E 113 6.93 -35.39 -15.19
C LYS E 113 8.02 -34.36 -15.45
N PRO E 114 7.91 -33.53 -16.51
CA PRO E 114 9.01 -32.59 -16.84
C PRO E 114 9.15 -31.35 -15.93
N TRP E 115 10.39 -31.04 -15.52
CA TRP E 115 10.62 -29.88 -14.65
C TRP E 115 11.25 -28.69 -15.39
N TYR E 116 11.19 -27.48 -14.83
CA TYR E 116 11.75 -26.30 -15.48
C TYR E 116 12.31 -25.35 -14.40
N GLU E 117 13.60 -24.97 -14.49
CA GLU E 117 14.27 -24.15 -13.48
C GLU E 117 15.05 -22.98 -14.02
N PRO E 118 14.60 -21.75 -13.80
CA PRO E 118 15.41 -20.60 -14.22
C PRO E 118 16.47 -20.22 -13.17
N ILE E 119 17.67 -19.82 -13.61
CA ILE E 119 18.67 -19.26 -12.70
C ILE E 119 18.98 -17.87 -13.26
N TYR E 120 18.86 -16.85 -12.42
CA TYR E 120 19.02 -15.47 -12.85
C TYR E 120 19.81 -14.64 -11.86
N LEU E 121 20.68 -13.80 -12.39
CA LEU E 121 21.59 -13.01 -11.58
C LEU E 121 21.65 -11.56 -12.04
N GLY E 122 22.25 -10.72 -11.23
CA GLY E 122 22.41 -9.32 -11.56
C GLY E 122 22.98 -8.51 -10.43
N GLY E 123 23.82 -7.57 -10.75
CA GLY E 123 24.43 -6.69 -9.77
C GLY E 123 25.23 -5.56 -10.41
N VAL E 124 25.61 -4.55 -9.61
CA VAL E 124 26.41 -3.44 -10.09
C VAL E 124 27.83 -3.69 -9.67
N PHE E 125 28.77 -3.63 -10.62
CA PHE E 125 30.19 -3.90 -10.39
C PHE E 125 31.10 -2.86 -10.98
N GLN E 126 32.18 -2.52 -10.27
CA GLN E 126 33.17 -1.60 -10.80
C GLN E 126 34.11 -2.48 -11.65
N LEU E 127 34.22 -2.17 -12.92
CA LEU E 127 35.07 -2.93 -13.84
C LEU E 127 36.17 -2.06 -14.43
N GLU E 128 37.27 -2.67 -14.85
CA GLU E 128 38.38 -1.98 -15.46
C GLU E 128 38.38 -2.24 -16.98
N LYS E 129 39.07 -1.39 -17.77
CA LYS E 129 39.14 -1.57 -19.21
C LYS E 129 39.87 -2.87 -19.53
N GLY E 130 39.27 -3.69 -20.38
CA GLY E 130 39.87 -4.95 -20.79
C GLY E 130 39.42 -6.18 -20.02
N ASP E 131 38.54 -6.01 -19.04
CA ASP E 131 38.04 -7.14 -18.26
C ASP E 131 37.16 -8.01 -19.14
N ARG E 132 37.31 -9.33 -19.05
CA ARG E 132 36.48 -10.26 -19.82
C ARG E 132 35.45 -10.83 -18.86
N LEU E 133 34.17 -10.79 -19.21
CA LEU E 133 33.10 -11.31 -18.38
C LEU E 133 32.52 -12.53 -19.05
N SER E 134 32.31 -13.61 -18.29
CA SER E 134 31.73 -14.82 -18.85
C SER E 134 30.55 -15.30 -18.04
N ALA E 135 29.48 -15.76 -18.70
CA ALA E 135 28.31 -16.30 -18.01
C ALA E 135 28.34 -17.79 -18.33
N GLU E 136 28.49 -18.63 -17.31
CA GLU E 136 28.68 -20.05 -17.53
C GLU E 136 27.78 -20.93 -16.72
N ILE E 137 27.42 -22.07 -17.28
CA ILE E 137 26.60 -23.06 -16.58
C ILE E 137 27.33 -24.38 -16.54
N ASN E 138 26.95 -25.27 -15.62
CA ASN E 138 27.63 -26.57 -15.51
C ASN E 138 26.98 -27.65 -16.37
N ARG E 139 25.66 -27.55 -16.58
CA ARG E 139 24.94 -28.57 -17.33
C ARG E 139 24.26 -27.96 -18.55
N PRO E 140 24.96 -27.86 -19.69
CA PRO E 140 24.31 -27.35 -20.91
C PRO E 140 23.37 -28.37 -21.55
N ASP E 141 23.43 -29.65 -21.11
CA ASP E 141 22.53 -30.70 -21.56
C ASP E 141 21.09 -30.45 -21.08
N TYR E 142 20.90 -29.67 -20.00
CA TYR E 142 19.58 -29.32 -19.52
C TYR E 142 19.09 -27.96 -19.99
N LEU E 143 19.82 -27.24 -20.86
CA LEU E 143 19.36 -25.93 -21.35
C LEU E 143 18.02 -26.04 -22.11
N ASP E 144 17.15 -25.02 -21.98
CA ASP E 144 15.87 -24.99 -22.69
C ASP E 144 15.94 -23.90 -23.73
N PHE E 145 16.62 -24.22 -24.86
CA PHE E 145 16.82 -23.29 -25.98
C PHE E 145 15.48 -22.81 -26.55
N ALA E 146 14.38 -23.61 -26.34
CA ALA E 146 13.00 -23.37 -26.77
C ALA E 146 12.34 -22.12 -26.15
N GLU E 147 13.15 -21.27 -25.51
CA GLU E 147 12.72 -20.02 -24.93
C GLU E 147 13.64 -18.93 -25.49
N SER E 148 13.10 -18.13 -26.45
CA SER E 148 13.82 -17.07 -27.19
C SER E 148 14.26 -15.89 -26.28
N GLY E 149 13.27 -15.08 -25.80
CA GLY E 149 13.51 -13.91 -24.96
C GLY E 149 13.87 -14.23 -23.53
N GLN E 150 14.57 -15.36 -23.29
CA GLN E 150 14.90 -15.84 -21.95
C GLN E 150 16.39 -16.17 -21.65
N VAL E 151 17.16 -16.99 -22.45
CA VAL E 151 18.59 -17.23 -22.10
C VAL E 151 19.43 -16.04 -22.58
N TYR E 152 19.83 -15.14 -21.68
CA TYR E 152 20.57 -13.91 -22.01
C TYR E 152 21.68 -13.59 -21.01
N PHE E 153 22.43 -12.53 -21.28
CA PHE E 153 23.57 -12.07 -20.49
C PHE E 153 23.83 -10.67 -21.01
N GLY E 154 24.04 -9.71 -20.12
CA GLY E 154 24.27 -8.35 -20.56
C GLY E 154 24.93 -7.43 -19.57
N ILE E 155 25.40 -6.27 -20.08
CA ILE E 155 26.04 -5.23 -19.29
C ILE E 155 25.58 -3.83 -19.73
N ILE E 156 25.53 -2.88 -18.79
CA ILE E 156 25.16 -1.49 -19.06
C ILE E 156 26.05 -0.60 -18.24
N ALA E 157 26.82 0.31 -18.88
CA ALA E 157 27.61 1.25 -18.08
C ALA E 157 26.65 2.27 -17.44
N LEU E 158 26.93 2.68 -16.20
CA LEU E 158 26.07 3.63 -15.52
C LEU E 158 26.58 5.06 -15.70
N PRO F 9 32.62 7.74 -13.32
CA PRO F 9 31.69 6.75 -12.77
C PRO F 9 30.36 7.33 -12.26
N SER F 10 29.95 8.50 -12.79
CA SER F 10 28.70 9.22 -12.48
C SER F 10 28.46 9.52 -10.98
N ASP F 11 27.73 10.61 -10.70
CA ASP F 11 27.37 11.08 -9.36
C ASP F 11 26.16 10.36 -8.75
N LYS F 12 25.59 9.36 -9.45
CA LYS F 12 24.43 8.65 -8.92
C LYS F 12 24.79 7.65 -7.82
N PRO F 13 24.02 7.69 -6.72
CA PRO F 13 24.29 6.78 -5.60
C PRO F 13 24.12 5.30 -5.93
N VAL F 14 25.15 4.49 -5.71
CA VAL F 14 25.13 3.06 -5.98
C VAL F 14 25.72 2.30 -4.81
N ALA F 15 25.33 1.04 -4.65
CA ALA F 15 25.87 0.19 -3.61
C ALA F 15 25.77 -1.27 -4.01
N HIS F 16 26.76 -2.07 -3.62
CA HIS F 16 26.78 -3.52 -3.80
C HIS F 16 27.55 -4.12 -2.63
N VAL F 17 26.83 -4.60 -1.62
CA VAL F 17 27.43 -5.20 -0.45
C VAL F 17 27.31 -6.73 -0.49
N VAL F 18 28.30 -7.43 0.07
CA VAL F 18 28.38 -8.89 0.06
C VAL F 18 28.39 -9.44 1.48
N ALA F 19 27.90 -10.68 1.68
CA ALA F 19 27.87 -11.30 3.01
C ALA F 19 29.25 -11.69 3.52
N ASN F 20 29.48 -11.50 4.80
CA ASN F 20 30.74 -11.85 5.43
C ASN F 20 30.82 -13.36 5.67
N PRO F 21 31.79 -14.03 5.01
CA PRO F 21 31.93 -15.49 5.21
C PRO F 21 32.33 -15.86 6.62
N GLN F 22 33.12 -15.01 7.28
CA GLN F 22 33.57 -15.29 8.64
C GLN F 22 32.57 -14.70 9.67
N ALA F 23 31.27 -15.04 9.55
CA ALA F 23 30.21 -14.52 10.44
C ALA F 23 29.14 -15.59 10.83
N GLU F 24 29.21 -16.08 12.09
CA GLU F 24 28.36 -17.12 12.71
C GLU F 24 26.92 -16.71 13.02
N GLY F 25 25.98 -17.47 12.47
CA GLY F 25 24.56 -17.38 12.74
C GLY F 25 23.91 -16.05 12.44
N GLN F 26 24.41 -15.36 11.40
CA GLN F 26 23.85 -14.10 10.92
C GLN F 26 24.32 -13.71 9.51
N LEU F 27 23.52 -12.87 8.85
CA LEU F 27 23.78 -12.35 7.53
C LEU F 27 24.28 -10.92 7.71
N GLN F 28 25.61 -10.75 7.68
CA GLN F 28 26.24 -9.45 7.88
C GLN F 28 26.82 -8.92 6.58
N TRP F 29 26.40 -7.73 6.15
CA TRP F 29 26.84 -7.11 4.89
C TRP F 29 28.10 -6.32 4.97
N LEU F 30 28.95 -6.40 3.93
CA LEU F 30 30.25 -5.70 3.88
C LEU F 30 30.47 -4.98 2.57
N ASN F 31 31.12 -3.82 2.65
CA ASN F 31 31.59 -3.07 1.47
C ASN F 31 33.13 -3.23 1.34
N ARG F 32 33.82 -3.51 2.47
CA ARG F 32 35.25 -3.72 2.66
C ARG F 32 35.71 -5.08 2.09
N ARG F 33 35.29 -5.40 0.87
CA ARG F 33 35.71 -6.62 0.18
C ARG F 33 35.89 -6.34 -1.32
N ALA F 34 36.65 -7.20 -2.00
CA ALA F 34 36.87 -7.11 -3.44
C ALA F 34 35.53 -7.36 -4.15
N ASN F 35 35.21 -6.58 -5.18
CA ASN F 35 33.96 -6.71 -5.93
C ASN F 35 32.71 -6.39 -5.13
N ALA F 36 32.83 -5.45 -4.22
CA ALA F 36 31.76 -4.94 -3.36
C ALA F 36 32.08 -3.44 -3.12
N LEU F 37 31.05 -2.56 -3.14
CA LEU F 37 31.26 -1.13 -2.96
C LEU F 37 30.10 -0.34 -2.39
N LEU F 38 30.38 0.89 -1.95
CA LEU F 38 29.41 1.92 -1.52
C LEU F 38 29.93 3.19 -2.21
N ALA F 39 29.07 3.88 -2.96
CA ALA F 39 29.51 5.06 -3.69
C ALA F 39 28.45 6.18 -3.74
N ASN F 40 28.92 7.42 -3.96
CA ASN F 40 28.13 8.64 -4.13
C ASN F 40 27.07 8.90 -3.03
N GLY F 41 27.42 8.62 -1.79
CA GLY F 41 26.55 8.91 -0.66
C GLY F 41 25.97 7.74 0.11
N VAL F 42 25.85 6.57 -0.54
CA VAL F 42 25.26 5.40 0.13
C VAL F 42 26.13 4.97 1.29
N GLU F 43 25.53 4.78 2.46
CA GLU F 43 26.26 4.35 3.65
C GLU F 43 25.77 3.00 4.15
N LEU F 44 26.62 2.26 4.83
CA LEU F 44 26.25 0.98 5.42
C LEU F 44 26.32 1.20 6.92
N ARG F 45 25.15 1.37 7.56
CA ARG F 45 25.03 1.62 8.99
C ARG F 45 24.12 0.59 9.63
N ASP F 46 24.58 -0.06 10.71
CA ASP F 46 23.87 -1.10 11.45
C ASP F 46 23.28 -2.17 10.53
N ASN F 47 24.07 -2.69 9.58
CA ASN F 47 23.68 -3.72 8.62
C ASN F 47 22.63 -3.27 7.59
N GLN F 48 22.47 -1.95 7.43
CA GLN F 48 21.47 -1.42 6.50
C GLN F 48 22.06 -0.37 5.56
N LEU F 49 21.53 -0.31 4.34
CA LEU F 49 21.98 0.68 3.37
C LEU F 49 21.16 1.95 3.54
N VAL F 50 21.83 3.06 3.81
CA VAL F 50 21.17 4.34 3.99
C VAL F 50 21.14 5.11 2.69
N VAL F 51 19.93 5.35 2.19
CA VAL F 51 19.66 6.08 0.96
C VAL F 51 20.10 7.52 1.17
N PRO F 52 21.04 8.03 0.36
CA PRO F 52 21.53 9.39 0.57
C PRO F 52 20.65 10.51 0.00
N SER F 53 19.75 10.20 -0.95
CA SER F 53 18.91 11.22 -1.56
C SER F 53 17.61 10.64 -2.10
N GLU F 54 16.55 11.48 -2.16
CA GLU F 54 15.26 11.04 -2.69
C GLU F 54 15.36 10.67 -4.18
N GLY F 55 14.62 9.65 -4.61
CA GLY F 55 14.64 9.23 -6.00
C GLY F 55 14.20 7.81 -6.24
N LEU F 56 14.26 7.36 -7.51
CA LEU F 56 13.90 5.98 -7.86
C LEU F 56 15.16 5.15 -7.81
N TYR F 57 15.09 4.01 -7.14
CA TYR F 57 16.24 3.13 -6.98
C TYR F 57 15.91 1.73 -7.43
N LEU F 58 16.88 1.04 -8.03
CA LEU F 58 16.74 -0.37 -8.32
C LEU F 58 17.29 -1.05 -7.07
N ILE F 59 16.48 -1.87 -6.43
CA ILE F 59 16.92 -2.60 -5.25
C ILE F 59 17.01 -4.07 -5.61
N TYR F 60 18.12 -4.74 -5.24
CA TYR F 60 18.26 -6.16 -5.52
C TYR F 60 19.01 -6.90 -4.42
N SER F 61 18.84 -8.23 -4.40
CA SER F 61 19.49 -9.05 -3.40
C SER F 61 19.39 -10.53 -3.74
N GLN F 62 20.40 -11.30 -3.35
CA GLN F 62 20.38 -12.75 -3.53
C GLN F 62 20.98 -13.42 -2.34
N VAL F 63 20.37 -14.50 -1.92
CA VAL F 63 20.87 -15.35 -0.85
C VAL F 63 20.85 -16.77 -1.37
N LEU F 64 21.78 -17.59 -0.92
CA LEU F 64 21.81 -18.98 -1.34
C LEU F 64 21.75 -19.84 -0.11
N PHE F 65 20.77 -20.72 -0.06
CA PHE F 65 20.63 -21.64 1.06
C PHE F 65 21.11 -23.02 0.62
N LYS F 66 21.64 -23.80 1.57
CA LYS F 66 22.13 -25.14 1.32
C LYS F 66 21.96 -25.94 2.61
N GLY F 67 21.42 -27.13 2.53
CA GLY F 67 21.24 -27.98 3.70
C GLY F 67 21.54 -29.41 3.32
N GLN F 68 22.27 -30.15 4.17
CA GLN F 68 22.60 -31.52 3.84
C GLN F 68 21.48 -32.44 4.30
N GLY F 69 20.51 -32.63 3.41
CA GLY F 69 19.36 -33.45 3.69
C GLY F 69 18.20 -32.68 4.29
N CYS F 70 17.10 -33.38 4.60
CA CYS F 70 15.91 -32.74 5.16
C CYS F 70 15.69 -33.07 6.65
N PRO F 71 15.57 -32.03 7.51
CA PRO F 71 15.42 -32.31 8.94
C PRO F 71 14.11 -33.04 9.26
N SER F 72 12.96 -32.35 9.26
CA SER F 72 11.69 -33.01 9.54
C SER F 72 10.54 -32.15 9.04
N THR F 73 10.59 -30.85 9.35
CA THR F 73 9.55 -29.92 8.95
C THR F 73 9.64 -29.55 7.46
N HIS F 74 8.62 -28.81 6.94
CA HIS F 74 8.67 -28.34 5.57
C HIS F 74 9.81 -27.29 5.36
N VAL F 75 10.60 -26.97 6.45
CA VAL F 75 11.70 -26.01 6.58
C VAL F 75 11.41 -24.76 5.76
N LEU F 76 11.08 -23.66 6.45
CA LEU F 76 10.74 -22.45 5.74
C LEU F 76 11.95 -21.55 5.63
N LEU F 77 12.26 -21.13 4.41
CA LEU F 77 13.37 -20.23 4.16
C LEU F 77 12.81 -18.95 3.60
N THR F 78 13.07 -17.83 4.25
CA THR F 78 12.56 -16.54 3.80
C THR F 78 13.68 -15.58 3.54
N HIS F 79 13.43 -14.65 2.62
CA HIS F 79 14.35 -13.59 2.28
C HIS F 79 13.48 -12.36 2.05
N THR F 80 13.83 -11.24 2.69
CA THR F 80 13.02 -10.03 2.60
C THR F 80 13.85 -8.76 2.55
N ILE F 81 13.53 -7.85 1.62
CA ILE F 81 14.16 -6.54 1.58
C ILE F 81 13.14 -5.57 2.16
N SER F 82 13.48 -4.89 3.26
CA SER F 82 12.57 -3.98 3.95
C SER F 82 13.04 -2.54 3.86
N ARG F 83 12.10 -1.62 4.09
CA ARG F 83 12.40 -0.20 4.05
C ARG F 83 12.03 0.43 5.37
N ILE F 84 12.97 1.16 5.98
CA ILE F 84 12.70 1.83 7.24
C ILE F 84 12.71 3.31 7.00
N ALA F 85 11.46 3.82 6.90
CA ALA F 85 11.05 5.21 6.67
C ALA F 85 11.74 6.08 7.67
N VAL F 86 12.34 7.16 7.21
CA VAL F 86 13.06 8.08 8.07
C VAL F 86 12.13 8.69 9.16
N SER F 87 10.90 9.04 8.74
CA SER F 87 9.84 9.65 9.56
C SER F 87 9.41 8.76 10.73
N TYR F 88 8.91 7.55 10.44
CA TYR F 88 8.50 6.64 11.50
C TYR F 88 9.41 5.42 11.43
N GLN F 89 9.80 4.87 12.57
CA GLN F 89 10.69 3.70 12.59
C GLN F 89 10.09 2.46 11.88
N THR F 90 8.84 2.55 11.37
CA THR F 90 8.10 1.53 10.63
C THR F 90 8.95 0.81 9.57
N LYS F 91 8.98 -0.51 9.64
CA LYS F 91 9.68 -1.38 8.70
C LYS F 91 8.60 -2.03 7.84
N VAL F 92 8.63 -1.75 6.54
CA VAL F 92 7.67 -2.21 5.55
C VAL F 92 8.33 -3.09 4.51
N ASN F 93 7.70 -4.22 4.14
CA ASN F 93 8.27 -5.13 3.15
C ASN F 93 8.27 -4.53 1.75
N LEU F 94 9.39 -4.58 1.03
CA LEU F 94 9.46 -4.12 -0.34
C LEU F 94 9.35 -5.32 -1.28
N LEU F 95 10.20 -6.32 -1.06
CA LEU F 95 10.24 -7.55 -1.83
C LEU F 95 10.44 -8.68 -0.82
N SER F 96 9.77 -9.81 -1.04
CA SER F 96 9.87 -10.94 -0.14
C SER F 96 9.58 -12.25 -0.85
N ALA F 97 10.27 -13.32 -0.45
CA ALA F 97 10.02 -14.64 -0.99
C ALA F 97 10.16 -15.68 0.10
N ILE F 98 9.43 -16.78 -0.01
CA ILE F 98 9.46 -17.86 0.97
C ILE F 98 9.56 -19.17 0.21
N LYS F 99 10.47 -20.04 0.59
CA LYS F 99 10.66 -21.32 -0.10
C LYS F 99 10.66 -22.47 0.89
N SER F 100 10.15 -23.62 0.47
CA SER F 100 10.10 -24.83 1.25
C SER F 100 11.01 -25.84 0.55
N PRO F 101 12.28 -26.00 0.98
CA PRO F 101 13.16 -26.95 0.31
C PRO F 101 12.83 -28.42 0.64
N CYS F 102 12.04 -28.69 1.70
CA CYS F 102 11.79 -30.05 2.18
C CYS F 102 10.34 -30.50 2.31
N GLN F 103 9.85 -31.28 1.34
CA GLN F 103 8.50 -31.85 1.44
C GLN F 103 8.50 -33.21 2.22
N ARG F 104 9.65 -33.90 2.22
CA ARG F 104 9.89 -35.20 2.86
C ARG F 104 11.29 -35.19 3.51
N GLU F 105 11.56 -36.14 4.42
CA GLU F 105 12.86 -36.23 5.11
C GLU F 105 13.89 -37.07 4.34
N PRO F 114 22.04 -33.36 -0.07
CA PRO F 114 22.49 -31.96 -0.17
C PRO F 114 21.61 -31.19 -1.11
N TRP F 115 20.73 -30.32 -0.59
CA TRP F 115 19.85 -29.48 -1.41
C TRP F 115 20.38 -28.03 -1.53
N TYR F 116 19.95 -27.29 -2.55
CA TYR F 116 20.36 -25.90 -2.77
C TYR F 116 19.14 -25.05 -3.12
N GLU F 117 18.99 -23.88 -2.49
CA GLU F 117 17.86 -23.00 -2.80
C GLU F 117 18.22 -21.54 -2.83
N PRO F 118 18.39 -20.97 -4.03
CA PRO F 118 18.68 -19.53 -4.12
C PRO F 118 17.42 -18.70 -4.11
N ILE F 119 17.49 -17.49 -3.51
CA ILE F 119 16.37 -16.58 -3.54
C ILE F 119 16.86 -15.23 -4.11
N TYR F 120 16.30 -14.76 -5.24
CA TYR F 120 16.67 -13.47 -5.81
C TYR F 120 15.49 -12.50 -5.72
N LEU F 121 15.72 -11.32 -5.15
CA LEU F 121 14.71 -10.27 -5.10
C LEU F 121 15.23 -9.03 -5.83
N GLY F 122 14.38 -8.39 -6.63
CA GLY F 122 14.74 -7.17 -7.33
C GLY F 122 13.53 -6.40 -7.79
N GLY F 123 13.61 -5.06 -7.75
CA GLY F 123 12.52 -4.18 -8.17
C GLY F 123 12.91 -2.72 -8.13
N VAL F 124 12.09 -1.84 -8.75
CA VAL F 124 12.37 -0.40 -8.74
C VAL F 124 11.46 0.27 -7.71
N PHE F 125 12.01 1.07 -6.80
CA PHE F 125 11.28 1.70 -5.70
C PHE F 125 11.58 3.17 -5.50
N GLN F 126 10.57 3.96 -5.11
CA GLN F 126 10.78 5.38 -4.83
C GLN F 126 11.20 5.43 -3.37
N LEU F 127 12.37 5.98 -3.09
CA LEU F 127 12.89 6.10 -1.73
C LEU F 127 13.16 7.57 -1.35
N GLU F 128 13.14 7.88 -0.07
CA GLU F 128 13.40 9.23 0.43
C GLU F 128 14.81 9.30 1.07
N LYS F 129 15.37 10.50 1.22
CA LYS F 129 16.68 10.68 1.85
C LYS F 129 16.63 10.22 3.30
N GLY F 130 17.57 9.37 3.68
CA GLY F 130 17.67 8.85 5.04
C GLY F 130 16.99 7.53 5.29
N ASP F 131 16.41 6.91 4.26
CA ASP F 131 15.74 5.62 4.40
C ASP F 131 16.76 4.53 4.61
N ARG F 132 16.45 3.56 5.46
CA ARG F 132 17.35 2.45 5.68
C ARG F 132 16.79 1.19 5.06
N LEU F 133 17.58 0.53 4.23
CA LEU F 133 17.17 -0.70 3.56
C LEU F 133 17.90 -1.90 4.15
N SER F 134 17.16 -2.98 4.43
CA SER F 134 17.75 -4.16 5.01
C SER F 134 17.38 -5.40 4.20
N ALA F 135 18.36 -6.29 3.93
CA ALA F 135 18.09 -7.55 3.26
C ALA F 135 18.25 -8.60 4.34
N GLU F 136 17.18 -9.30 4.69
CA GLU F 136 17.20 -10.21 5.82
C GLU F 136 16.65 -11.59 5.54
N ILE F 137 17.19 -12.59 6.22
CA ILE F 137 16.74 -13.97 6.09
C ILE F 137 16.31 -14.51 7.46
N ASN F 138 15.53 -15.60 7.48
CA ASN F 138 15.10 -16.17 8.74
C ASN F 138 16.07 -17.23 9.28
N ARG F 139 16.73 -17.97 8.38
CA ARG F 139 17.62 -19.05 8.77
C ARG F 139 19.03 -18.82 8.28
N PRO F 140 19.85 -18.11 9.06
CA PRO F 140 21.26 -17.92 8.66
C PRO F 140 22.12 -19.16 8.83
N ASP F 141 21.59 -20.18 9.53
CA ASP F 141 22.24 -21.47 9.70
C ASP F 141 22.30 -22.26 8.39
N TYR F 142 21.41 -21.96 7.43
CA TYR F 142 21.43 -22.60 6.13
C TYR F 142 22.08 -21.77 5.03
N LEU F 143 22.56 -20.53 5.31
CA LEU F 143 23.24 -19.73 4.28
C LEU F 143 24.47 -20.44 3.72
N ASP F 144 24.90 -20.07 2.50
CA ASP F 144 26.07 -20.67 1.90
C ASP F 144 27.11 -19.65 1.47
N PHE F 145 28.26 -19.59 2.14
CA PHE F 145 29.34 -18.68 1.75
C PHE F 145 30.49 -19.46 1.04
N ALA F 146 30.40 -20.82 0.90
CA ALA F 146 31.42 -21.72 0.31
C ALA F 146 32.19 -21.14 -0.89
N GLU F 147 31.47 -20.44 -1.77
CA GLU F 147 32.05 -19.78 -2.93
C GLU F 147 31.68 -18.29 -2.97
N SER F 148 32.39 -17.50 -3.77
CA SER F 148 32.18 -16.08 -3.82
C SER F 148 31.01 -15.70 -4.68
N GLY F 149 30.43 -14.56 -4.35
CA GLY F 149 29.38 -13.95 -5.15
C GLY F 149 28.01 -14.57 -5.12
N GLN F 150 27.73 -15.46 -4.15
CA GLN F 150 26.41 -16.09 -4.02
C GLN F 150 25.46 -15.28 -3.15
N VAL F 151 25.98 -14.47 -2.20
CA VAL F 151 25.14 -13.69 -1.29
C VAL F 151 25.46 -12.18 -1.36
N TYR F 152 24.52 -11.40 -1.86
CA TYR F 152 24.70 -9.96 -2.06
C TYR F 152 23.41 -9.14 -1.92
N PHE F 153 23.57 -7.82 -1.87
CA PHE F 153 22.51 -6.84 -1.69
C PHE F 153 23.02 -5.57 -2.38
N GLY F 154 22.18 -4.91 -3.17
CA GLY F 154 22.59 -3.70 -3.84
C GLY F 154 21.48 -2.77 -4.25
N ILE F 155 21.87 -1.50 -4.48
CA ILE F 155 20.95 -0.43 -4.91
C ILE F 155 21.61 0.40 -5.99
N ILE F 156 20.80 0.93 -6.91
CA ILE F 156 21.27 1.79 -8.00
C ILE F 156 20.28 2.92 -8.15
N ALA F 157 20.68 4.17 -7.92
CA ALA F 157 19.80 5.31 -8.13
C ALA F 157 19.61 5.47 -9.63
N LEU F 158 18.40 5.75 -10.14
CA LEU F 158 18.18 5.87 -11.58
C LEU F 158 18.38 7.30 -12.06
N3 A1CCE G . -6.50 24.81 13.36
C4 A1CCE G . -5.65 23.63 13.40
C5 A1CCE G . -6.65 22.50 13.07
C6 A1CCE G . -6.40 21.82 11.73
C8 A1CCE G . -8.73 22.10 11.02
N12 A1CCE G . -6.65 19.08 11.47
C13 A1CCE G . -6.78 17.76 11.30
C15 A1CCE G . -9.08 17.99 10.87
C17 A1CCE G . -8.09 15.68 10.83
C20 A1CCE G . -8.37 12.96 10.72
C22 A1CCE G . -10.14 11.76 10.85
C26 A1CCE G . -11.94 13.51 11.27
C28 A1CCE G . -12.55 15.33 9.65
O1 A1CCE G . -8.66 25.19 13.99
C2 A1CCE G . -7.79 24.49 13.50
N7 A1CCE G . -7.64 21.16 11.28
C9 A1CCE G . -9.13 22.72 12.33
N10 A1CCE G . -7.96 23.21 13.05
C11 A1CCE G . -7.77 19.81 11.30
C14 A1CCE G . -7.99 17.15 11.00
N16 A1CCE G . -9.00 19.32 11.03
C18 A1CCE G . -6.97 14.89 10.54
C19 A1CCE G . -7.11 13.51 10.49
N21 A1CCE G . -8.85 11.65 10.65
C23 A1CCE G . -11.15 10.66 10.78
N24 A1CCE G . -12.53 11.20 10.66
C25 A1CCE G . -12.75 12.30 11.68
C27 A1CCE G . -12.51 13.97 9.94
C29 A1CCE G . -12.99 15.76 8.40
C30 A1CCE G . -13.38 14.85 7.45
C31 A1CCE G . -13.34 13.49 7.73
C32 A1CCE G . -12.91 13.04 8.97
C33 A1CCE G . -13.03 11.57 9.29
N34 A1CCE G . -10.54 13.06 11.07
C35 A1CCE G . -9.42 13.84 10.98
N36 A1CCE G . -9.32 15.17 11.04
N3 A1CCE H . 20.93 3.47 -15.76
C4 A1CCE H . 21.35 2.37 -16.59
C5 A1CCE H . 20.76 1.19 -15.87
C6 A1CCE H . 19.39 0.76 -16.38
C8 A1CCE H . 18.54 0.52 -14.09
N12 A1CCE H . 17.85 -2.11 -14.70
C13 A1CCE H . 17.66 -3.41 -14.95
C15 A1CCE H . 18.68 -3.21 -17.06
C17 A1CCE H . 17.95 -5.50 -16.31
C20 A1CCE H . 17.71 -8.23 -16.54
C22 A1CCE H . 17.69 -9.72 -15.01
C26 A1CCE H . 18.00 -8.35 -12.90
C28 A1CCE H . 16.20 -6.77 -12.07
O1 A1CCE H . 20.09 3.79 -13.64
C2 A1CCE H . 20.51 3.07 -14.55
N7 A1CCE H . 18.74 -0.11 -15.40
C9 A1CCE H . 19.87 0.91 -13.51
N10 A1CCE H . 20.62 1.70 -14.49
C11 A1CCE H . 18.47 -1.41 -15.67
C14 A1CCE H . 18.06 -4.04 -16.13
N16 A1CCE H . 18.89 -1.90 -16.85
C18 A1CCE H . 17.73 -6.07 -17.58
C19 A1CCE H . 17.60 -7.45 -17.69
N21 A1CCE H . 17.56 -9.59 -16.31
C23 A1CCE H . 17.62 -11.01 -14.24
N24 A1CCE H . 17.54 -10.77 -12.77
C25 A1CCE H . 18.49 -9.66 -12.35
C27 A1CCE H . 16.62 -8.08 -12.33
C29 A1CCE H . 14.94 -6.52 -11.58
C30 A1CCE H . 14.08 -7.55 -11.32
C31 A1CCE H . 14.47 -8.86 -11.56
C32 A1CCE H . 15.74 -9.14 -12.06
C33 A1CCE H . 16.17 -10.59 -12.16
N34 A1CCE H . 17.91 -8.53 -14.36
C35 A1CCE H . 17.93 -7.56 -15.34
N36 A1CCE H . 18.05 -6.24 -15.19
#